data_5BT1
#
_entry.id   5BT1
#
_cell.length_a   102.673
_cell.length_b   48.363
_cell.length_c   160.706
_cell.angle_alpha   90.000
_cell.angle_beta   107.050
_cell.angle_gamma   90.000
#
_symmetry.space_group_name_H-M   'C 1 2 1'
#
loop_
_entity.id
_entity.type
_entity.pdbx_description
1 polymer 'HAT1-interacting factor 1'
2 polymer 'Histone H2A.1'
3 polymer 'Histone H2B.1'
4 water water
#
loop_
_entity_poly.entity_id
_entity_poly.type
_entity_poly.pdbx_seq_one_letter_code
_entity_poly.pdbx_strand_id
1 'polypeptide(L)'
;MKLRAEDVLANGTSRHKVQIDMERQVQIAKDLLAQKKFLEAAKRCQQTLDSLPKDGLLPDPELFTIFAQAVYNMEVQNSG
NLFGDALLAGDDGSGSESESEPESDVSNGEEGNENGQTEIPNSRMFQFDQEEEDLTGDVDSGDSEDSGEGSEEEEENVEK
EEERLALHELANFSPANEHDDEIEDVSQLRKSGFHIYFENDLYENALDLLAQALMLLGRPTADGQSLTENSRLRIGDVYI
LMGDIEREAEMFSRAIHHYLKALGYYKTLKPAEQVTEKVIQAEFLVCDALRWVDQVPAKDKLKRFKHAKALLEKHMTTRP
KDSELQQARLAQIQDDIDEVQENQQHGSKRPLSQPTTSIGFPALEKPLGDFNDLSQLVKKKPRRHLEHHHHHH
;
A,B
2 'polypeptide(L)'
;MGHHHHHHGSHMSGGKGGKAGSAAKASQSRSAKAGLTFPVGRVHRLLRRGNYAQRIGSGAPVYLTAVLEYLAAEILELAG
NAARDNKKTRIIPRHLQLAIRNDDELNKLLGNVTIAQGGVLPNIHQNLLPKKSAKATKASQEL
;
C
3 'polypeptide(L)'
;MGHHHHHHGSHMSAKAEKKPASKAPAEKKPAAKKTSTSTDGKKRSKARKETYSSYIYKVLKQTHPDTGISQKSMSILNSF
VNDIFERIATEASKLAAYNKKSTISAREIQTAVRLILPGELAKHAVSEGTRAVTKYSSSTQA
;
D
#
# COMPACT_ATOMS: atom_id res chain seq x y z
N ARG A 15 39.47 -2.77 5.82
CA ARG A 15 40.53 -2.32 6.78
C ARG A 15 41.52 -3.44 7.09
N HIS A 16 42.78 -3.06 7.38
CA HIS A 16 43.89 -3.99 7.68
C HIS A 16 43.45 -5.24 8.45
N LYS A 17 42.64 -5.01 9.49
CA LYS A 17 41.85 -6.01 10.19
C LYS A 17 40.86 -5.21 11.01
N VAL A 18 39.70 -4.93 10.43
CA VAL A 18 38.74 -4.00 11.02
C VAL A 18 38.47 -4.36 12.49
N GLN A 19 38.51 -3.35 13.35
CA GLN A 19 38.32 -3.51 14.79
C GLN A 19 36.90 -3.07 15.19
N ILE A 20 36.13 -3.96 15.81
CA ILE A 20 34.70 -3.73 16.00
C ILE A 20 34.33 -3.29 17.41
N ASP A 21 33.67 -2.13 17.50
CA ASP A 21 32.97 -1.69 18.69
C ASP A 21 31.54 -2.20 18.57
N MET A 22 31.22 -3.24 19.33
CA MET A 22 29.91 -3.91 19.29
C MET A 22 28.78 -2.95 19.60
N GLU A 23 28.95 -2.20 20.68
CA GLU A 23 27.97 -1.23 21.13
C GLU A 23 27.64 -0.23 20.02
N ARG A 24 28.67 0.33 19.38
CA ARG A 24 28.45 1.29 18.31
C ARG A 24 27.67 0.66 17.16
N GLN A 25 28.15 -0.50 16.71
CA GLN A 25 27.46 -1.28 15.69
C GLN A 25 26.00 -1.53 16.05
N VAL A 26 25.75 -1.81 17.33
CA VAL A 26 24.39 -2.00 17.84
C VAL A 26 23.55 -0.71 17.69
N GLN A 27 24.11 0.43 18.08
CA GLN A 27 23.38 1.71 17.95
C GLN A 27 23.04 2.00 16.49
N ILE A 28 24.01 1.78 15.60
CA ILE A 28 23.81 2.01 14.17
C ILE A 28 22.70 1.11 13.63
N ALA A 29 22.68 -0.14 14.06
CA ALA A 29 21.66 -1.09 13.62
C ALA A 29 20.28 -0.72 14.13
N LYS A 30 20.19 -0.27 15.38
CA LYS A 30 18.94 0.26 15.96
C LYS A 30 18.44 1.43 15.14
N ASP A 31 19.38 2.30 14.77
CA ASP A 31 19.09 3.47 13.94
C ASP A 31 18.47 3.04 12.62
N LEU A 32 19.13 2.09 11.95
CA LEU A 32 18.68 1.61 10.66
C LEU A 32 17.29 0.95 10.77
N LEU A 33 17.08 0.21 11.85
CA LEU A 33 15.81 -0.46 12.09
C LEU A 33 14.67 0.56 12.30
N ALA A 34 14.89 1.51 13.20
CA ALA A 34 13.92 2.57 13.49
C ALA A 34 13.47 3.33 12.24
N GLN A 35 14.30 3.29 11.20
CA GLN A 35 14.06 4.02 9.94
C GLN A 35 13.57 3.10 8.84
N LYS A 36 13.06 1.92 9.21
CA LYS A 36 12.48 0.94 8.27
C LYS A 36 13.44 0.42 7.18
N LYS A 37 14.74 0.60 7.40
CA LYS A 37 15.73 0.11 6.45
C LYS A 37 16.17 -1.29 6.89
N PHE A 38 15.25 -2.23 6.70
CA PHE A 38 15.32 -3.55 7.31
C PHE A 38 16.45 -4.39 6.75
N LEU A 39 16.58 -4.39 5.41
CA LEU A 39 17.63 -5.14 4.76
C LEU A 39 18.99 -4.68 5.28
N GLU A 40 19.15 -3.37 5.38
CA GLU A 40 20.42 -2.76 5.70
C GLU A 40 20.78 -2.97 7.17
N ALA A 41 19.76 -3.07 8.02
CA ALA A 41 19.96 -3.35 9.45
C ALA A 41 20.41 -4.79 9.64
N ALA A 42 19.71 -5.72 9.00
CA ALA A 42 20.05 -7.14 9.05
C ALA A 42 21.49 -7.40 8.57
N LYS A 43 21.87 -6.82 7.43
CA LYS A 43 23.23 -6.95 6.92
C LYS A 43 24.28 -6.40 7.88
N ARG A 44 23.95 -5.33 8.59
CA ARG A 44 24.85 -4.75 9.59
C ARG A 44 25.13 -5.72 10.75
N CYS A 45 24.08 -6.27 11.35
CA CYS A 45 24.22 -7.28 12.41
C CYS A 45 24.98 -8.49 11.87
N GLN A 46 24.60 -8.91 10.67
CA GLN A 46 25.23 -10.04 9.98
C GLN A 46 26.74 -9.86 9.82
N GLN A 47 27.13 -8.71 9.25
CA GLN A 47 28.54 -8.42 8.99
C GLN A 47 29.32 -8.25 10.28
N THR A 48 28.70 -7.61 11.26
CA THR A 48 29.30 -7.46 12.58
C THR A 48 29.56 -8.82 13.20
N LEU A 49 28.55 -9.69 13.18
CA LEU A 49 28.66 -10.99 13.82
C LEU A 49 29.71 -11.85 13.14
N ASP A 50 29.71 -11.87 11.80
CA ASP A 50 30.70 -12.63 11.04
C ASP A 50 32.12 -12.10 11.21
N SER A 51 32.24 -10.83 11.61
CA SER A 51 33.54 -10.18 11.75
C SER A 51 34.11 -10.20 13.16
N LEU A 52 33.32 -10.64 14.14
CA LEU A 52 33.84 -10.74 15.50
C LEU A 52 34.80 -11.93 15.58
N PRO A 53 35.72 -11.90 16.56
CA PRO A 53 36.54 -13.08 16.83
C PRO A 53 35.68 -14.28 17.20
N LYS A 54 36.05 -15.45 16.68
CA LYS A 54 35.20 -16.63 16.73
C LYS A 54 35.30 -17.44 18.02
N ASP A 55 36.21 -17.03 18.92
CA ASP A 55 36.40 -17.75 20.17
C ASP A 55 36.71 -16.79 21.33
N GLY A 56 36.15 -17.08 22.51
CA GLY A 56 36.44 -16.35 23.73
C GLY A 56 35.54 -15.16 24.00
N LEU A 57 34.60 -14.89 23.10
CA LEU A 57 33.76 -13.72 23.23
C LEU A 57 32.30 -14.05 23.05
N LEU A 58 31.47 -13.56 23.97
CA LEU A 58 30.02 -13.65 23.86
C LEU A 58 29.51 -12.34 23.31
N PRO A 59 28.83 -12.38 22.15
CA PRO A 59 28.41 -11.11 21.55
C PRO A 59 27.19 -10.48 22.24
N ASP A 60 26.97 -9.20 21.97
CA ASP A 60 25.85 -8.44 22.49
C ASP A 60 24.56 -9.09 22.02
N PRO A 61 23.64 -9.39 22.95
CA PRO A 61 22.39 -10.03 22.54
C PRO A 61 21.59 -9.19 21.57
N GLU A 62 21.71 -7.88 21.64
CA GLU A 62 20.93 -6.98 20.79
C GLU A 62 21.26 -7.14 19.30
N LEU A 63 22.48 -7.59 19.00
CA LEU A 63 22.85 -7.94 17.62
C LEU A 63 21.90 -9.01 17.04
N PHE A 64 21.44 -9.91 17.91
CA PHE A 64 20.57 -11.01 17.50
C PHE A 64 19.11 -10.56 17.40
N THR A 65 18.66 -9.74 18.35
CA THR A 65 17.26 -9.27 18.36
C THR A 65 16.97 -8.30 17.23
N ILE A 66 17.81 -7.28 17.07
CA ILE A 66 17.68 -6.33 15.96
C ILE A 66 17.67 -7.09 14.63
N PHE A 67 18.64 -8.00 14.47
CA PHE A 67 18.74 -8.87 13.30
C PHE A 67 17.41 -9.61 13.06
N ALA A 68 16.90 -10.26 14.10
CA ALA A 68 15.61 -10.97 14.02
C ALA A 68 14.53 -10.03 13.53
N GLN A 69 14.35 -8.92 14.23
CA GLN A 69 13.36 -7.92 13.84
C GLN A 69 13.49 -7.45 12.40
N ALA A 70 14.72 -7.20 11.97
CA ALA A 70 15.00 -6.76 10.61
C ALA A 70 14.60 -7.84 9.63
N VAL A 71 15.12 -9.05 9.84
CA VAL A 71 14.81 -10.20 8.99
C VAL A 71 13.30 -10.47 8.97
N TYR A 72 12.69 -10.46 10.15
CA TYR A 72 11.27 -10.71 10.26
C TYR A 72 10.47 -9.67 9.48
N ASN A 73 10.83 -8.41 9.65
CA ASN A 73 10.14 -7.33 8.96
C ASN A 73 10.27 -7.36 7.43
N MET A 74 11.33 -7.99 6.94
CA MET A 74 11.50 -8.15 5.50
C MET A 74 10.46 -9.08 4.89
N GLU A 75 10.23 -10.23 5.51
CA GLU A 75 9.20 -11.15 5.05
C GLU A 75 7.80 -10.50 5.08
N VAL A 76 7.60 -9.59 6.04
CA VAL A 76 6.34 -8.88 6.21
C VAL A 76 6.14 -7.72 5.22
N GLN A 77 7.04 -6.72 5.25
CA GLN A 77 6.88 -5.51 4.45
C GLN A 77 7.12 -5.73 2.96
N ASN A 78 8.20 -6.46 2.63
CA ASN A 78 8.34 -7.03 1.30
C ASN A 78 7.40 -8.22 1.17
N SER A 79 7.10 -8.59 -0.08
CA SER A 79 6.27 -9.77 -0.43
C SER A 79 5.49 -10.42 0.72
N HIS A 168 -0.85 -28.25 25.70
CA HIS A 168 -0.72 -28.13 27.15
C HIS A 168 -0.75 -26.67 27.58
N GLU A 169 -1.49 -26.39 28.66
CA GLU A 169 -1.66 -25.02 29.15
C GLU A 169 -0.69 -24.71 30.30
N LEU A 170 0.30 -23.86 30.01
CA LEU A 170 1.27 -23.36 30.98
C LEU A 170 0.69 -22.23 31.86
N ALA A 171 -0.50 -22.50 32.43
CA ALA A 171 -1.26 -21.49 33.18
C ALA A 171 -0.37 -20.58 34.02
N ASN A 172 0.52 -21.20 34.79
CA ASN A 172 1.45 -20.46 35.62
C ASN A 172 2.89 -20.90 35.39
N PHE A 173 3.39 -20.70 34.16
CA PHE A 173 4.84 -20.86 33.95
C PHE A 173 5.57 -19.87 34.85
N SER A 174 6.63 -20.33 35.49
CA SER A 174 7.40 -19.47 36.37
C SER A 174 8.87 -19.86 36.34
N PRO A 175 9.71 -19.01 35.72
CA PRO A 175 11.16 -19.27 35.72
C PRO A 175 11.76 -19.21 37.12
N ALA A 176 11.00 -18.69 38.08
CA ALA A 176 11.41 -18.59 39.48
C ALA A 176 11.43 -19.95 40.19
N ASN A 177 10.43 -20.79 39.88
CA ASN A 177 10.33 -22.12 40.47
C ASN A 177 10.33 -23.27 39.44
N GLU A 178 10.84 -22.98 38.24
CA GLU A 178 10.90 -23.98 37.16
C GLU A 178 12.03 -23.67 36.18
N HIS A 179 12.71 -24.71 35.72
CA HIS A 179 13.79 -24.58 34.74
C HIS A 179 13.24 -24.30 33.34
N ASP A 180 13.71 -23.21 32.73
CA ASP A 180 13.39 -22.90 31.33
C ASP A 180 14.20 -23.78 30.39
N ASP A 181 13.54 -24.79 29.83
CA ASP A 181 14.19 -25.80 29.00
C ASP A 181 14.54 -25.27 27.61
N GLU A 182 14.09 -24.06 27.30
CA GLU A 182 14.26 -23.45 25.99
C GLU A 182 15.50 -22.56 25.87
N ILE A 183 16.16 -22.26 26.98
CA ILE A 183 17.43 -21.54 26.97
C ILE A 183 18.56 -22.53 26.66
N GLU A 184 19.08 -22.49 25.44
CA GLU A 184 20.14 -23.42 25.03
C GLU A 184 21.49 -23.04 25.63
N ASP A 185 22.43 -23.98 25.61
CA ASP A 185 23.79 -23.75 26.09
C ASP A 185 24.55 -22.85 25.13
N VAL A 186 25.40 -21.96 25.66
CA VAL A 186 26.14 -21.06 24.80
C VAL A 186 27.07 -21.81 23.84
N SER A 187 27.33 -23.08 24.12
CA SER A 187 28.15 -23.92 23.25
C SER A 187 27.50 -24.05 21.87
N GLN A 188 26.22 -23.71 21.79
CA GLN A 188 25.44 -23.93 20.57
C GLN A 188 25.17 -22.64 19.82
N LEU A 189 25.85 -21.59 20.22
CA LEU A 189 25.77 -20.30 19.57
C LEU A 189 26.47 -20.37 18.24
N ARG A 190 25.87 -19.80 17.21
CA ARG A 190 26.53 -19.65 15.91
C ARG A 190 27.69 -18.66 16.00
N LYS A 191 28.83 -19.06 15.46
CA LYS A 191 30.03 -18.25 15.48
C LYS A 191 30.45 -17.66 14.11
N SER A 192 29.88 -18.21 13.03
CA SER A 192 30.07 -17.66 11.67
C SER A 192 29.04 -18.19 10.67
N GLY A 193 28.97 -17.55 9.51
CA GLY A 193 28.01 -17.93 8.48
C GLY A 193 26.63 -17.35 8.67
N PHE A 194 26.56 -16.13 9.21
CA PHE A 194 25.29 -15.47 9.51
C PHE A 194 24.52 -15.02 8.26
N HIS A 195 25.09 -15.28 7.08
CA HIS A 195 24.44 -14.95 5.82
C HIS A 195 23.26 -15.89 5.53
N ILE A 196 23.22 -17.02 6.21
CA ILE A 196 22.21 -18.06 5.97
C ILE A 196 20.84 -17.63 6.40
N TYR A 197 20.81 -16.59 7.23
CA TYR A 197 19.57 -16.09 7.76
C TYR A 197 18.82 -15.24 6.75
N PHE A 198 19.39 -15.11 5.55
CA PHE A 198 18.68 -14.53 4.40
C PHE A 198 18.05 -15.61 3.52
N GLU A 199 18.51 -16.85 3.68
CA GLU A 199 17.99 -17.97 2.90
C GLU A 199 16.75 -18.60 3.53
N ASN A 200 15.94 -19.19 2.67
CA ASN A 200 14.85 -20.10 3.05
C ASN A 200 13.79 -19.46 3.97
N ASP A 201 13.32 -20.16 5.01
CA ASP A 201 12.23 -19.60 5.82
C ASP A 201 12.68 -18.45 6.74
N LEU A 202 12.40 -17.22 6.32
CA LEU A 202 12.81 -16.02 7.05
C LEU A 202 12.23 -15.96 8.46
N TYR A 203 11.00 -16.42 8.62
CA TYR A 203 10.40 -16.54 9.94
C TYR A 203 11.19 -17.50 10.82
N GLU A 204 11.51 -18.69 10.30
CA GLU A 204 12.33 -19.65 11.03
C GLU A 204 13.68 -19.02 11.41
N ASN A 205 14.29 -18.33 10.44
CA ASN A 205 15.58 -17.69 10.64
C ASN A 205 15.53 -16.66 11.77
N ALA A 206 14.48 -15.84 11.78
CA ALA A 206 14.29 -14.86 12.84
C ALA A 206 14.10 -15.57 14.18
N LEU A 207 13.32 -16.64 14.19
CA LEU A 207 13.12 -17.41 15.43
C LEU A 207 14.43 -17.96 15.97
N ASP A 208 15.26 -18.53 15.07
CA ASP A 208 16.56 -19.09 15.46
C ASP A 208 17.50 -18.02 15.97
N LEU A 209 17.45 -16.84 15.36
CA LEU A 209 18.23 -15.71 15.85
C LEU A 209 17.82 -15.32 17.28
N LEU A 210 16.51 -15.35 17.54
CA LEU A 210 16.01 -15.01 18.88
C LEU A 210 16.33 -16.09 19.92
N ALA A 211 16.39 -17.34 19.49
CA ALA A 211 16.75 -18.42 20.38
C ALA A 211 18.18 -18.18 20.88
N GLN A 212 19.00 -17.62 19.99
CA GLN A 212 20.36 -17.26 20.35
C GLN A 212 20.41 -16.06 21.30
N ALA A 213 19.53 -15.08 21.11
CA ALA A 213 19.42 -13.96 22.09
C ALA A 213 19.02 -14.48 23.47
N LEU A 214 18.09 -15.44 23.48
CA LEU A 214 17.58 -16.06 24.68
C LEU A 214 18.71 -16.74 25.44
N MET A 215 19.54 -17.45 24.69
CA MET A 215 20.71 -18.16 25.17
C MET A 215 21.69 -17.22 25.93
N LEU A 216 22.09 -16.13 25.29
CA LEU A 216 23.00 -15.15 25.92
C LEU A 216 22.37 -14.42 27.12
N LEU A 217 21.14 -13.93 26.98
CA LEU A 217 20.43 -13.28 28.07
C LEU A 217 20.16 -14.21 29.27
N GLY A 218 19.76 -15.45 28.98
CA GLY A 218 19.38 -16.40 30.02
C GLY A 218 20.51 -17.26 30.54
N ARG A 219 21.73 -16.88 30.17
CA ARG A 219 22.93 -17.61 30.56
C ARG A 219 23.13 -17.50 32.06
N PRO A 220 23.04 -18.63 32.78
CA PRO A 220 23.10 -18.54 34.22
C PRO A 220 24.49 -18.13 34.69
N THR A 221 24.54 -17.41 35.81
CA THR A 221 25.78 -16.94 36.40
C THR A 221 26.52 -18.11 37.04
N ALA A 222 27.78 -17.92 37.38
CA ALA A 222 28.58 -18.99 37.98
C ALA A 222 28.37 -19.10 39.51
N ASP A 223 27.87 -18.04 40.12
CA ASP A 223 27.87 -17.89 41.57
C ASP A 223 26.50 -18.06 42.24
N GLY A 224 25.52 -18.55 41.49
CA GLY A 224 24.19 -18.78 42.05
C GLY A 224 23.31 -17.54 42.17
N GLN A 225 23.85 -16.36 41.86
CA GLN A 225 23.05 -15.15 41.73
C GLN A 225 22.12 -15.29 40.53
N SER A 226 20.84 -15.00 40.74
CA SER A 226 19.85 -15.18 39.69
C SER A 226 19.99 -14.07 38.66
N LEU A 227 19.23 -14.16 37.57
CA LEU A 227 19.26 -13.12 36.54
C LEU A 227 18.66 -11.82 37.05
N THR A 228 19.33 -10.72 36.75
CA THR A 228 18.86 -9.39 37.14
C THR A 228 17.53 -9.07 36.47
N GLU A 229 16.81 -8.09 37.03
CA GLU A 229 15.54 -7.62 36.49
C GLU A 229 15.64 -7.33 35.01
N ASN A 230 16.66 -6.57 34.64
CA ASN A 230 16.90 -6.18 33.26
C ASN A 230 16.95 -7.40 32.33
N SER A 231 17.64 -8.46 32.76
CA SER A 231 17.75 -9.67 31.96
C SER A 231 16.41 -10.33 31.74
N ARG A 232 15.62 -10.43 32.81
CA ARG A 232 14.36 -11.16 32.78
C ARG A 232 13.28 -10.40 32.00
N LEU A 233 13.32 -9.06 32.06
CA LEU A 233 12.48 -8.22 31.23
C LEU A 233 12.85 -8.47 29.79
N ARG A 234 14.15 -8.52 29.54
CA ARG A 234 14.63 -8.68 28.19
C ARG A 234 14.33 -10.07 27.63
N ILE A 235 14.45 -11.09 28.47
CA ILE A 235 13.96 -12.43 28.12
C ILE A 235 12.46 -12.37 27.77
N GLY A 236 11.69 -11.66 28.60
CA GLY A 236 10.27 -11.43 28.34
C GLY A 236 10.02 -10.80 26.97
N ASP A 237 10.56 -9.61 26.76
CA ASP A 237 10.51 -8.92 25.46
C ASP A 237 10.85 -9.86 24.31
N VAL A 238 11.89 -10.69 24.48
CA VAL A 238 12.28 -11.65 23.44
C VAL A 238 11.15 -12.64 23.13
N TYR A 239 10.61 -13.28 24.16
CA TYR A 239 9.48 -14.19 24.01
C TYR A 239 8.24 -13.54 23.34
N ILE A 240 7.95 -12.30 23.69
CA ILE A 240 6.90 -11.55 23.00
C ILE A 240 7.16 -11.52 21.49
N LEU A 241 8.42 -11.31 21.14
CA LEU A 241 8.79 -11.15 19.74
C LEU A 241 8.73 -12.48 19.01
N MET A 242 9.13 -13.57 19.67
CA MET A 242 8.96 -14.88 19.09
C MET A 242 7.48 -15.14 18.83
N GLY A 243 6.66 -14.94 19.86
CA GLY A 243 5.20 -15.09 19.76
C GLY A 243 4.60 -14.35 18.59
N ASP A 244 4.95 -13.08 18.44
CA ASP A 244 4.49 -12.25 17.32
C ASP A 244 4.84 -12.87 15.98
N ILE A 245 6.06 -13.37 15.84
CA ILE A 245 6.51 -13.94 14.58
C ILE A 245 5.71 -15.20 14.29
N GLU A 246 5.56 -16.03 15.31
CA GLU A 246 4.81 -17.27 15.20
C GLU A 246 3.32 -17.04 14.91
N ARG A 247 2.74 -16.02 15.54
CA ARG A 247 1.37 -15.61 15.24
C ARG A 247 1.25 -15.21 13.78
N GLU A 248 2.24 -14.46 13.31
CA GLU A 248 2.33 -14.07 11.90
C GLU A 248 2.62 -15.26 10.96
N ALA A 249 3.37 -16.26 11.43
CA ALA A 249 3.68 -17.45 10.63
C ALA A 249 2.60 -18.51 10.76
N GLU A 250 1.65 -18.27 11.67
CA GLU A 250 0.48 -19.13 11.85
C GLU A 250 0.80 -20.43 12.60
N MET A 251 1.93 -20.44 13.29
CA MET A 251 2.21 -21.46 14.31
C MET A 251 1.62 -20.94 15.61
N PHE A 252 0.30 -20.95 15.70
CA PHE A 252 -0.43 -20.29 16.81
C PHE A 252 -0.19 -20.92 18.16
N SER A 253 -0.11 -22.25 18.19
CA SER A 253 0.20 -22.99 19.40
C SER A 253 1.60 -22.63 19.90
N ARG A 254 2.56 -22.56 19.00
CA ARG A 254 3.92 -22.19 19.36
C ARG A 254 3.87 -20.78 19.93
N ALA A 255 3.12 -19.90 19.25
CA ALA A 255 2.92 -18.50 19.71
C ALA A 255 2.38 -18.41 21.14
N ILE A 256 1.33 -19.17 21.43
CA ILE A 256 0.75 -19.18 22.78
C ILE A 256 1.79 -19.57 23.81
N HIS A 257 2.54 -20.63 23.51
CA HIS A 257 3.59 -21.12 24.40
C HIS A 257 4.55 -20.00 24.82
N HIS A 258 5.00 -19.21 23.83
CA HIS A 258 5.93 -18.10 24.08
C HIS A 258 5.30 -16.91 24.79
N TYR A 259 4.07 -16.58 24.44
CA TYR A 259 3.37 -15.51 25.16
C TYR A 259 3.26 -15.87 26.63
N LEU A 260 2.86 -17.12 26.91
CA LEU A 260 2.77 -17.60 28.28
C LEU A 260 4.11 -17.47 29.01
N LYS A 261 5.18 -17.88 28.33
CA LYS A 261 6.53 -17.79 28.86
C LYS A 261 6.89 -16.33 29.16
N ALA A 262 6.56 -15.42 28.23
CA ALA A 262 6.74 -13.99 28.44
C ALA A 262 6.04 -13.54 29.72
N LEU A 263 4.82 -14.03 29.92
CA LEU A 263 4.03 -13.74 31.09
C LEU A 263 4.81 -14.15 32.34
N GLY A 264 5.30 -15.39 32.33
CA GLY A 264 6.00 -15.95 33.48
C GLY A 264 7.15 -15.05 33.90
N TYR A 265 7.94 -14.64 32.91
CA TYR A 265 9.12 -13.82 33.15
C TYR A 265 8.73 -12.46 33.65
N TYR A 266 7.71 -11.88 33.02
CA TYR A 266 7.22 -10.57 33.42
C TYR A 266 6.71 -10.59 34.85
N LYS A 267 6.11 -11.69 35.26
CA LYS A 267 5.61 -11.86 36.63
C LYS A 267 6.70 -12.01 37.70
N THR A 268 7.97 -12.03 37.29
CA THR A 268 9.07 -12.17 38.27
C THR A 268 9.65 -10.80 38.63
N LEU A 269 9.26 -9.77 37.88
CA LEU A 269 9.81 -8.44 38.07
C LEU A 269 9.11 -7.69 39.19
N LYS A 270 9.87 -6.81 39.85
CA LYS A 270 9.34 -5.96 40.90
C LYS A 270 8.26 -5.04 40.34
N PRO A 271 7.14 -4.87 41.07
CA PRO A 271 6.01 -4.01 40.66
C PRO A 271 6.44 -2.65 40.13
N ALA A 272 5.84 -2.23 39.02
CA ALA A 272 6.08 -0.94 38.38
C ALA A 272 5.16 -0.86 37.18
N GLU A 273 4.93 0.36 36.67
CA GLU A 273 3.94 0.55 35.63
C GLU A 273 4.33 -0.04 34.26
N GLN A 274 5.61 0.01 33.91
CA GLN A 274 6.10 -0.71 32.74
C GLN A 274 5.73 -2.20 32.83
N VAL A 275 6.05 -2.82 33.97
CA VAL A 275 5.78 -4.24 34.24
C VAL A 275 4.31 -4.62 34.02
N THR A 276 3.44 -3.88 34.68
CA THR A 276 1.99 -4.01 34.54
C THR A 276 1.57 -4.00 33.07
N GLU A 277 2.03 -2.99 32.33
CA GLU A 277 1.75 -2.89 30.90
C GLU A 277 2.21 -4.15 30.16
N LYS A 278 3.40 -4.65 30.49
CA LYS A 278 3.92 -5.84 29.84
C LYS A 278 3.04 -7.04 30.19
N VAL A 279 2.70 -7.20 31.47
CA VAL A 279 1.88 -8.33 31.90
C VAL A 279 0.59 -8.33 31.10
N ILE A 280 -0.10 -7.19 31.10
CA ILE A 280 -1.38 -7.05 30.38
C ILE A 280 -1.21 -7.31 28.89
N GLN A 281 -0.18 -6.74 28.28
CA GLN A 281 0.10 -7.00 26.89
C GLN A 281 0.17 -8.50 26.69
N ALA A 282 0.94 -9.16 27.55
CA ALA A 282 1.16 -10.60 27.45
C ALA A 282 -0.17 -11.34 27.57
N GLU A 283 -0.93 -10.95 28.57
CA GLU A 283 -2.17 -11.62 28.91
C GLU A 283 -3.08 -11.51 27.71
N PHE A 284 -3.11 -10.32 27.11
CA PHE A 284 -3.91 -10.11 25.91
C PHE A 284 -3.41 -10.95 24.73
N LEU A 285 -2.10 -10.97 24.53
CA LEU A 285 -1.53 -11.65 23.36
C LEU A 285 -1.78 -13.16 23.40
N VAL A 286 -1.78 -13.72 24.60
CA VAL A 286 -2.19 -15.11 24.80
C VAL A 286 -3.55 -15.32 24.14
N CYS A 287 -4.54 -14.56 24.59
CA CYS A 287 -5.91 -14.64 24.05
C CYS A 287 -6.01 -14.38 22.57
N ASP A 288 -5.25 -13.41 22.07
CA ASP A 288 -5.24 -13.07 20.64
C ASP A 288 -4.77 -14.27 19.81
N ALA A 289 -3.86 -15.06 20.37
CA ALA A 289 -3.36 -16.24 19.68
C ALA A 289 -4.29 -17.44 19.86
N LEU A 290 -4.88 -17.55 21.05
CA LEU A 290 -5.74 -18.67 21.46
C LEU A 290 -6.98 -18.81 20.59
N ARG A 291 -7.50 -17.68 20.13
CA ARG A 291 -8.68 -17.67 19.28
C ARG A 291 -8.48 -18.40 17.97
N TRP A 292 -7.21 -18.61 17.58
CA TRP A 292 -6.90 -19.26 16.31
C TRP A 292 -6.66 -20.75 16.45
N VAL A 293 -6.63 -21.24 17.67
CA VAL A 293 -6.24 -22.61 17.96
C VAL A 293 -7.44 -23.54 18.13
N ASP A 294 -7.69 -24.37 17.13
CA ASP A 294 -8.78 -25.36 17.19
C ASP A 294 -8.52 -26.48 18.21
N GLN A 295 -7.23 -26.72 18.47
CA GLN A 295 -6.77 -27.85 19.31
C GLN A 295 -7.19 -27.76 20.79
N VAL A 296 -7.49 -26.56 21.27
CA VAL A 296 -7.85 -26.34 22.66
C VAL A 296 -9.38 -26.30 22.84
N PRO A 297 -9.91 -27.11 23.78
CA PRO A 297 -11.35 -27.17 24.04
C PRO A 297 -11.97 -25.80 24.27
N ALA A 298 -13.22 -25.63 23.82
CA ALA A 298 -13.93 -24.37 23.95
C ALA A 298 -14.08 -23.94 25.41
N LYS A 299 -14.18 -24.91 26.32
CA LYS A 299 -14.27 -24.64 27.75
C LYS A 299 -12.98 -24.03 28.29
N ASP A 300 -11.83 -24.54 27.83
CA ASP A 300 -10.52 -24.05 28.26
C ASP A 300 -10.22 -22.69 27.65
N LYS A 301 -10.93 -22.36 26.57
CA LYS A 301 -10.82 -21.06 25.94
C LYS A 301 -11.55 -20.01 26.75
N LEU A 302 -12.73 -20.36 27.23
CA LEU A 302 -13.58 -19.41 27.95
C LEU A 302 -12.96 -18.96 29.25
N LYS A 303 -12.31 -19.91 29.93
CA LYS A 303 -11.64 -19.63 31.19
C LYS A 303 -10.52 -18.63 30.98
N ARG A 304 -9.73 -18.83 29.92
CA ARG A 304 -8.65 -17.90 29.59
C ARG A 304 -9.16 -16.51 29.25
N PHE A 305 -10.19 -16.44 28.38
CA PHE A 305 -10.77 -15.17 27.95
C PHE A 305 -11.35 -14.37 29.11
N LYS A 306 -12.10 -15.05 29.96
CA LYS A 306 -12.70 -14.43 31.15
C LYS A 306 -11.62 -13.93 32.10
N HIS A 307 -10.51 -14.66 32.18
CA HIS A 307 -9.40 -14.29 33.07
C HIS A 307 -8.76 -12.99 32.59
N ALA A 308 -8.42 -12.95 31.29
CA ALA A 308 -7.95 -11.73 30.65
C ALA A 308 -8.99 -10.60 30.71
N LYS A 309 -10.26 -10.94 30.47
CA LYS A 309 -11.33 -9.96 30.59
C LYS A 309 -11.32 -9.29 31.96
N ALA A 310 -11.34 -10.09 33.02
CA ALA A 310 -11.42 -9.54 34.36
C ALA A 310 -10.21 -8.65 34.62
N LEU A 311 -9.04 -9.15 34.24
CA LEU A 311 -7.81 -8.44 34.49
C LEU A 311 -7.80 -7.09 33.78
N LEU A 312 -8.31 -7.07 32.54
CA LEU A 312 -8.47 -5.84 31.76
C LEU A 312 -9.47 -4.86 32.39
N GLU A 313 -10.63 -5.36 32.77
CA GLU A 313 -11.60 -4.57 33.53
C GLU A 313 -11.06 -4.03 34.87
N LYS A 314 -10.26 -4.83 35.58
CA LYS A 314 -9.65 -4.40 36.85
C LYS A 314 -8.68 -3.23 36.62
N HIS A 315 -7.81 -3.40 35.64
CA HIS A 315 -6.90 -2.37 35.20
C HIS A 315 -7.64 -1.06 34.76
N MET A 316 -8.82 -1.19 34.16
CA MET A 316 -9.61 -0.02 33.73
C MET A 316 -10.12 0.85 34.86
N THR A 317 -10.43 0.24 36.00
CA THR A 317 -10.93 1.00 37.14
C THR A 317 -9.82 1.89 37.71
N THR A 318 -8.58 1.64 37.30
CA THR A 318 -7.41 2.41 37.70
C THR A 318 -7.20 3.63 36.80
N ARG A 319 -7.99 3.72 35.74
CA ARG A 319 -8.03 4.87 34.84
C ARG A 319 -6.69 5.15 34.16
N PRO A 320 -6.11 4.11 33.52
CA PRO A 320 -4.77 4.17 32.95
C PRO A 320 -4.62 5.10 31.73
N LYS A 321 -3.38 5.49 31.44
CA LYS A 321 -3.07 6.40 30.34
C LYS A 321 -3.49 5.87 28.95
N ASP A 322 -3.47 4.55 28.80
CA ASP A 322 -3.80 3.88 27.53
C ASP A 322 -5.15 3.16 27.57
N SER A 323 -6.13 3.81 28.19
CA SER A 323 -7.49 3.27 28.32
C SER A 323 -8.04 2.83 26.97
N GLU A 324 -7.89 3.72 25.98
CA GLU A 324 -8.41 3.53 24.63
C GLU A 324 -7.92 2.21 24.04
N LEU A 325 -6.62 1.98 24.08
CA LEU A 325 -6.03 0.75 23.54
C LEU A 325 -6.47 -0.46 24.37
N GLN A 326 -6.53 -0.26 25.68
CA GLN A 326 -6.99 -1.27 26.62
C GLN A 326 -8.45 -1.67 26.34
N GLN A 327 -9.29 -0.71 25.95
CA GLN A 327 -10.69 -0.96 25.60
C GLN A 327 -10.82 -1.75 24.30
N ALA A 328 -9.94 -1.47 23.36
CA ALA A 328 -9.89 -2.22 22.11
C ALA A 328 -9.65 -3.68 22.44
N ARG A 329 -8.66 -3.92 23.30
CA ARG A 329 -8.35 -5.26 23.75
C ARG A 329 -9.55 -5.92 24.39
N LEU A 330 -10.23 -5.18 25.25
CA LEU A 330 -11.38 -5.69 25.98
C LEU A 330 -12.51 -6.07 25.03
N ALA A 331 -12.75 -5.20 24.05
CA ALA A 331 -13.80 -5.44 23.06
C ALA A 331 -13.53 -6.72 22.28
N GLN A 332 -12.27 -6.99 21.97
CA GLN A 332 -11.94 -8.20 21.23
C GLN A 332 -12.18 -9.47 22.04
N ILE A 333 -11.77 -9.45 23.30
CA ILE A 333 -11.92 -10.59 24.17
C ILE A 333 -13.42 -10.81 24.45
N GLN A 334 -14.16 -9.71 24.60
CA GLN A 334 -15.59 -9.79 24.86
C GLN A 334 -16.30 -10.47 23.68
N ASP A 335 -16.04 -9.97 22.47
CA ASP A 335 -16.58 -10.59 21.25
C ASP A 335 -16.19 -12.07 21.11
N ASP A 336 -14.93 -12.38 21.43
CA ASP A 336 -14.46 -13.77 21.45
C ASP A 336 -15.16 -14.62 22.51
N ILE A 337 -15.61 -14.00 23.60
CA ILE A 337 -16.39 -14.73 24.60
C ILE A 337 -17.77 -15.00 24.03
N ASP A 338 -18.39 -13.97 23.44
CA ASP A 338 -19.71 -14.11 22.84
C ASP A 338 -19.75 -15.12 21.70
N GLU A 339 -18.66 -15.18 20.92
CA GLU A 339 -18.54 -16.19 19.86
C GLU A 339 -18.62 -17.61 20.38
N VAL A 340 -17.76 -17.95 21.35
CA VAL A 340 -17.74 -19.30 21.91
C VAL A 340 -18.97 -19.59 22.78
N GLN A 341 -19.56 -18.55 23.35
CA GLN A 341 -20.81 -18.70 24.12
C GLN A 341 -22.01 -18.92 23.19
N GLU A 342 -22.14 -18.10 22.16
CA GLU A 342 -23.21 -18.24 21.17
C GLU A 342 -22.98 -19.44 20.24
N ASN A 343 -21.83 -19.47 19.56
CA ASN A 343 -21.46 -20.58 18.65
C ASN A 343 -20.95 -21.85 19.36
N GLN A 344 -21.55 -22.13 20.52
CA GLN A 344 -21.47 -23.41 21.22
C GLN A 344 -22.67 -23.46 22.16
N GLN A 345 -23.22 -24.66 22.39
CA GLN A 345 -24.49 -24.83 23.13
C GLN A 345 -25.71 -24.26 22.38
N HIS A 346 -25.45 -23.55 21.27
CA HIS A 346 -26.48 -23.01 20.38
C HIS A 346 -25.88 -22.83 18.97
N LYS B 17 2.85 -0.99 -55.55
CA LYS B 17 1.73 -1.28 -56.51
C LYS B 17 0.55 -0.31 -56.34
N VAL B 18 0.00 -0.23 -55.13
CA VAL B 18 -1.17 0.61 -54.85
C VAL B 18 -0.82 2.09 -54.67
N GLN B 19 -1.71 2.99 -55.09
CA GLN B 19 -1.47 4.42 -54.93
C GLN B 19 -2.23 4.96 -53.72
N ILE B 20 -1.51 5.55 -52.77
CA ILE B 20 -2.09 5.95 -51.47
C ILE B 20 -2.33 7.45 -51.32
N ASP B 21 -3.58 7.81 -51.01
CA ASP B 21 -3.96 9.16 -50.61
C ASP B 21 -3.99 9.17 -49.09
N MET B 22 -3.04 9.87 -48.47
CA MET B 22 -2.90 9.82 -47.02
C MET B 22 -4.08 10.48 -46.31
N GLU B 23 -4.45 11.67 -46.74
CA GLU B 23 -5.56 12.40 -46.10
C GLU B 23 -6.82 11.52 -46.06
N ARG B 24 -7.16 10.89 -47.19
CA ARG B 24 -8.29 9.96 -47.27
C ARG B 24 -8.16 8.77 -46.32
N GLN B 25 -6.96 8.18 -46.25
CA GLN B 25 -6.69 7.07 -45.34
C GLN B 25 -6.82 7.47 -43.88
N VAL B 26 -6.39 8.69 -43.56
CA VAL B 26 -6.55 9.24 -42.21
C VAL B 26 -8.04 9.35 -41.85
N GLN B 27 -8.85 9.82 -42.80
CA GLN B 27 -10.30 9.95 -42.61
C GLN B 27 -10.96 8.62 -42.25
N ILE B 28 -10.69 7.61 -43.07
CA ILE B 28 -11.23 6.27 -42.87
C ILE B 28 -10.87 5.75 -41.49
N ALA B 29 -9.58 5.81 -41.15
CA ALA B 29 -9.10 5.37 -39.85
C ALA B 29 -9.74 6.17 -38.72
N LYS B 30 -9.85 7.49 -38.91
CA LYS B 30 -10.40 8.38 -37.90
C LYS B 30 -11.86 8.03 -37.60
N ASP B 31 -12.62 7.69 -38.63
CA ASP B 31 -14.01 7.31 -38.48
C ASP B 31 -14.19 5.93 -37.89
N LEU B 32 -13.26 5.02 -38.19
CA LEU B 32 -13.25 3.71 -37.56
C LEU B 32 -12.98 3.85 -36.05
N LEU B 33 -12.08 4.77 -35.71
CA LEU B 33 -11.77 5.07 -34.31
C LEU B 33 -13.01 5.56 -33.59
N ALA B 34 -13.71 6.51 -34.19
CA ALA B 34 -14.97 7.05 -33.66
C ALA B 34 -16.02 5.94 -33.48
N GLN B 35 -16.04 4.99 -34.42
CA GLN B 35 -16.96 3.86 -34.35
C GLN B 35 -16.56 2.83 -33.31
N LYS B 36 -15.49 3.12 -32.58
CA LYS B 36 -14.94 2.22 -31.56
C LYS B 36 -14.33 0.92 -32.09
N LYS B 37 -14.13 0.84 -33.41
CA LYS B 37 -13.54 -0.35 -34.02
C LYS B 37 -12.01 -0.23 -34.09
N PHE B 38 -11.39 -0.41 -32.93
CA PHE B 38 -9.97 -0.12 -32.75
C PHE B 38 -9.06 -1.00 -33.62
N LEU B 39 -9.25 -2.32 -33.55
CA LEU B 39 -8.49 -3.24 -34.37
C LEU B 39 -8.52 -2.82 -35.83
N GLU B 40 -9.68 -2.37 -36.30
CA GLU B 40 -9.85 -2.00 -37.70
C GLU B 40 -9.18 -0.67 -38.04
N ALA B 41 -9.15 0.26 -37.08
CA ALA B 41 -8.45 1.54 -37.28
C ALA B 41 -6.93 1.41 -37.22
N ALA B 42 -6.44 0.64 -36.24
CA ALA B 42 -5.01 0.38 -36.12
C ALA B 42 -4.46 -0.29 -37.37
N LYS B 43 -5.17 -1.29 -37.87
CA LYS B 43 -4.76 -2.02 -39.05
C LYS B 43 -4.72 -1.09 -40.27
N ARG B 44 -5.71 -0.21 -40.36
CA ARG B 44 -5.80 0.77 -41.44
C ARG B 44 -4.55 1.66 -41.47
N CYS B 45 -4.12 2.10 -40.28
CA CYS B 45 -2.90 2.91 -40.16
C CYS B 45 -1.68 2.09 -40.51
N GLN B 46 -1.60 0.89 -39.93
CA GLN B 46 -0.47 -0.02 -40.12
C GLN B 46 -0.23 -0.36 -41.60
N GLN B 47 -1.28 -0.81 -42.28
CA GLN B 47 -1.22 -1.10 -43.71
C GLN B 47 -0.81 0.12 -44.54
N THR B 48 -1.39 1.28 -44.21
CA THR B 48 -1.06 2.55 -44.87
C THR B 48 0.41 2.92 -44.68
N LEU B 49 0.88 2.88 -43.43
CA LEU B 49 2.26 3.24 -43.16
C LEU B 49 3.24 2.26 -43.80
N ASP B 50 2.89 0.97 -43.79
CA ASP B 50 3.73 -0.09 -44.36
C ASP B 50 3.83 -0.02 -45.88
N SER B 51 2.82 0.54 -46.54
CA SER B 51 2.82 0.56 -47.99
C SER B 51 3.10 1.93 -48.60
N LEU B 52 3.45 2.91 -47.77
CA LEU B 52 3.88 4.18 -48.28
C LEU B 52 5.29 3.99 -48.85
N PRO B 53 5.72 4.90 -49.73
CA PRO B 53 7.08 4.81 -50.26
C PRO B 53 8.09 4.99 -49.12
N LYS B 54 9.19 4.27 -49.18
CA LYS B 54 10.10 4.19 -48.03
C LYS B 54 11.13 5.33 -47.91
N ASP B 55 11.18 6.23 -48.89
CA ASP B 55 12.18 7.30 -48.91
C ASP B 55 11.71 8.56 -49.63
N GLY B 56 11.81 9.71 -48.95
CA GLY B 56 11.48 11.03 -49.52
C GLY B 56 10.19 11.67 -49.04
N LEU B 57 9.47 10.99 -48.16
CA LEU B 57 8.14 11.42 -47.74
C LEU B 57 7.98 11.36 -46.23
N LEU B 58 7.57 12.47 -45.62
CA LEU B 58 7.15 12.45 -44.24
C LEU B 58 5.66 12.18 -44.20
N PRO B 59 5.24 11.12 -43.49
CA PRO B 59 3.81 10.83 -43.40
C PRO B 59 3.02 11.83 -42.55
N ASP B 60 1.72 11.88 -42.78
CA ASP B 60 0.79 12.65 -41.96
C ASP B 60 0.82 12.13 -40.51
N PRO B 61 1.20 12.99 -39.56
CA PRO B 61 1.30 12.61 -38.14
C PRO B 61 0.04 11.93 -37.61
N GLU B 62 -1.11 12.30 -38.15
CA GLU B 62 -2.35 11.70 -37.68
C GLU B 62 -2.41 10.18 -37.88
N LEU B 63 -1.69 9.67 -38.86
CA LEU B 63 -1.53 8.22 -39.01
C LEU B 63 -0.89 7.57 -37.76
N PHE B 64 -0.04 8.32 -37.06
CA PHE B 64 0.60 7.79 -35.85
C PHE B 64 -0.26 8.03 -34.61
N THR B 65 -0.80 9.25 -34.46
CA THR B 65 -1.67 9.55 -33.32
C THR B 65 -2.86 8.61 -33.29
N ILE B 66 -3.52 8.43 -34.44
CA ILE B 66 -4.70 7.53 -34.49
C ILE B 66 -4.30 6.09 -34.20
N PHE B 67 -3.21 5.63 -34.80
CA PHE B 67 -2.67 4.29 -34.60
C PHE B 67 -2.42 4.05 -33.12
N ALA B 68 -1.84 5.04 -32.45
CA ALA B 68 -1.57 4.95 -31.03
C ALA B 68 -2.86 4.82 -30.20
N GLN B 69 -3.76 5.80 -30.33
CA GLN B 69 -5.06 5.70 -29.67
C GLN B 69 -5.75 4.36 -29.91
N ALA B 70 -5.75 3.90 -31.16
CA ALA B 70 -6.40 2.63 -31.50
C ALA B 70 -5.80 1.47 -30.71
N VAL B 71 -4.49 1.28 -30.85
CA VAL B 71 -3.74 0.26 -30.09
C VAL B 71 -3.99 0.35 -28.58
N TYR B 72 -4.06 1.57 -28.06
CA TYR B 72 -4.24 1.80 -26.63
C TYR B 72 -5.65 1.41 -26.16
N ASN B 73 -6.67 1.81 -26.91
CA ASN B 73 -8.03 1.46 -26.55
C ASN B 73 -8.22 -0.02 -26.67
N MET B 74 -7.55 -0.59 -27.67
CA MET B 74 -7.55 -2.03 -27.91
C MET B 74 -7.08 -2.80 -26.68
N GLU B 75 -5.93 -2.40 -26.13
CA GLU B 75 -5.37 -3.07 -24.96
C GLU B 75 -6.21 -2.86 -23.70
N VAL B 76 -6.65 -1.62 -23.46
CA VAL B 76 -7.54 -1.30 -22.34
C VAL B 76 -8.77 -2.21 -22.37
N GLN B 77 -9.48 -2.21 -23.49
CA GLN B 77 -10.73 -2.96 -23.62
C GLN B 77 -10.59 -4.48 -23.62
N ASN B 78 -9.50 -5.01 -24.21
CA ASN B 78 -9.18 -6.44 -24.10
C ASN B 78 -8.76 -6.83 -22.69
N SER B 79 -7.91 -6.00 -22.08
CA SER B 79 -7.48 -6.19 -20.70
C SER B 79 -8.65 -6.01 -19.73
N GLY B 80 -9.72 -5.38 -20.20
CA GLY B 80 -10.92 -5.20 -19.38
C GLY B 80 -11.95 -6.29 -19.56
N ASN B 81 -11.48 -7.48 -19.94
CA ASN B 81 -12.35 -8.64 -20.17
C ASN B 81 -12.99 -9.20 -18.91
N LEU B 82 -14.32 -9.32 -18.97
CA LEU B 82 -15.11 -9.93 -17.90
C LEU B 82 -15.72 -11.26 -18.37
N PHE B 83 -16.37 -11.96 -17.44
CA PHE B 83 -17.08 -13.24 -17.69
C PHE B 83 -16.14 -14.40 -18.00
N ARG B 164 13.04 9.89 -12.22
CA ARG B 164 12.67 10.85 -11.19
C ARG B 164 12.01 12.09 -11.81
N LEU B 165 11.19 12.76 -11.01
CA LEU B 165 10.56 14.00 -11.41
C LEU B 165 11.29 15.17 -10.78
N ALA B 166 11.65 16.14 -11.62
CA ALA B 166 12.32 17.34 -11.16
C ALA B 166 11.31 18.23 -10.44
N LEU B 167 11.57 18.46 -9.17
CA LEU B 167 10.64 19.20 -8.31
C LEU B 167 10.43 20.64 -8.80
N HIS B 168 11.40 21.17 -9.53
CA HIS B 168 11.30 22.53 -10.06
C HIS B 168 10.54 22.58 -11.39
N GLU B 169 10.51 21.46 -12.13
CA GLU B 169 9.58 21.31 -13.26
C GLU B 169 8.17 21.57 -12.74
N LEU B 170 7.84 20.88 -11.66
CA LEU B 170 6.57 21.00 -10.98
C LEU B 170 6.28 22.40 -10.46
N ALA B 171 7.32 23.07 -9.96
CA ALA B 171 7.17 24.41 -9.39
C ALA B 171 7.14 25.51 -10.45
N ASN B 172 7.40 25.14 -11.71
CA ASN B 172 7.40 26.08 -12.83
C ASN B 172 6.01 26.31 -13.45
N PHE B 173 5.76 27.53 -13.90
CA PHE B 173 4.49 27.90 -14.51
C PHE B 173 4.63 28.71 -15.81
N SER B 174 5.80 29.30 -16.01
CA SER B 174 6.07 30.06 -17.24
C SER B 174 6.04 29.12 -18.46
N PRO B 175 5.33 29.55 -19.55
CA PRO B 175 5.31 28.76 -20.79
C PRO B 175 6.72 28.30 -21.24
N ALA B 176 6.80 27.07 -21.73
CA ALA B 176 8.07 26.49 -22.12
C ALA B 176 8.22 26.48 -23.62
N ASN B 177 8.91 27.50 -24.11
CA ASN B 177 9.31 27.63 -25.52
C ASN B 177 10.71 27.04 -25.75
N GLU B 178 11.44 26.85 -24.63
CA GLU B 178 12.80 26.29 -24.60
C GLU B 178 12.91 24.96 -25.35
N HIS B 179 14.15 24.53 -25.59
CA HIS B 179 14.41 23.26 -26.26
C HIS B 179 13.64 22.07 -25.65
N ASP B 180 12.95 21.34 -26.52
CA ASP B 180 12.25 20.13 -26.14
C ASP B 180 13.10 18.93 -26.54
N ASP B 181 13.82 18.38 -25.57
CA ASP B 181 14.80 17.30 -25.81
C ASP B 181 14.12 15.97 -26.11
N GLU B 182 12.79 16.01 -26.17
CA GLU B 182 11.99 14.82 -26.36
C GLU B 182 11.47 14.66 -27.79
N ILE B 183 11.60 15.72 -28.59
CA ILE B 183 11.29 15.66 -30.03
C ILE B 183 12.51 15.13 -30.76
N GLU B 184 12.36 13.95 -31.37
CA GLU B 184 13.49 13.29 -32.02
C GLU B 184 13.63 13.77 -33.45
N ASP B 185 14.79 13.50 -34.04
CA ASP B 185 15.08 13.75 -35.45
C ASP B 185 14.28 12.81 -36.36
N VAL B 186 13.92 13.26 -37.56
CA VAL B 186 13.15 12.40 -38.48
C VAL B 186 13.95 11.23 -39.07
N SER B 187 15.28 11.25 -38.93
CA SER B 187 16.10 10.10 -39.29
C SER B 187 15.75 8.86 -38.45
N GLN B 188 15.08 9.07 -37.31
CA GLN B 188 14.71 7.98 -36.41
C GLN B 188 13.27 7.46 -36.61
N LEU B 189 12.61 7.94 -37.67
CA LEU B 189 11.25 7.52 -37.99
C LEU B 189 11.21 6.11 -38.57
N ARG B 190 10.25 5.29 -38.10
CA ARG B 190 10.09 3.94 -38.64
C ARG B 190 9.48 3.99 -40.02
N LYS B 191 10.10 3.25 -40.94
CA LYS B 191 9.74 3.27 -42.35
C LYS B 191 9.03 2.01 -42.85
N SER B 192 9.12 0.93 -42.09
CA SER B 192 8.48 -0.35 -42.44
C SER B 192 8.42 -1.28 -41.24
N GLY B 193 7.56 -2.30 -41.32
CA GLY B 193 7.42 -3.29 -40.25
C GLY B 193 6.50 -2.83 -39.14
N PHE B 194 5.43 -2.13 -39.53
CA PHE B 194 4.50 -1.55 -38.58
C PHE B 194 3.58 -2.57 -37.90
N HIS B 195 3.72 -3.83 -38.31
CA HIS B 195 2.94 -4.92 -37.74
C HIS B 195 3.34 -5.19 -36.29
N ILE B 196 4.59 -4.87 -35.96
CA ILE B 196 5.16 -5.14 -34.63
C ILE B 196 4.47 -4.37 -33.50
N TYR B 197 3.77 -3.29 -33.84
CA TYR B 197 3.05 -2.51 -32.84
C TYR B 197 1.83 -3.27 -32.31
N PHE B 198 1.54 -4.42 -32.92
CA PHE B 198 0.49 -5.32 -32.43
C PHE B 198 1.07 -6.37 -31.48
N GLU B 199 2.40 -6.46 -31.44
CA GLU B 199 3.09 -7.51 -30.69
C GLU B 199 3.55 -7.00 -29.34
N ASN B 200 3.90 -7.92 -28.45
CA ASN B 200 4.40 -7.61 -27.10
C ASN B 200 3.53 -6.63 -26.32
N ASP B 201 4.15 -5.57 -25.78
CA ASP B 201 3.43 -4.63 -24.93
C ASP B 201 2.81 -3.46 -25.69
N LEU B 202 1.49 -3.38 -25.66
CA LEU B 202 0.74 -2.46 -26.48
C LEU B 202 0.83 -1.03 -26.00
N TYR B 203 0.98 -0.86 -24.69
CA TYR B 203 1.13 0.48 -24.12
C TYR B 203 2.46 1.07 -24.57
N GLU B 204 3.52 0.27 -24.47
CA GLU B 204 4.86 0.61 -24.92
C GLU B 204 4.77 1.03 -26.39
N ASN B 205 4.05 0.23 -27.18
CA ASN B 205 3.85 0.46 -28.60
C ASN B 205 3.18 1.78 -28.91
N ALA B 206 2.10 2.09 -28.20
CA ALA B 206 1.35 3.34 -28.41
C ALA B 206 2.25 4.55 -28.16
N LEU B 207 3.06 4.46 -27.11
CA LEU B 207 3.97 5.54 -26.74
C LEU B 207 4.99 5.77 -27.84
N ASP B 208 5.55 4.69 -28.38
CA ASP B 208 6.55 4.80 -29.45
C ASP B 208 5.94 5.45 -30.70
N LEU B 209 4.71 5.05 -31.02
CA LEU B 209 3.95 5.68 -32.08
C LEU B 209 3.75 7.16 -31.81
N LEU B 210 3.34 7.49 -30.59
CA LEU B 210 3.17 8.89 -30.20
C LEU B 210 4.48 9.67 -30.23
N ALA B 211 5.59 9.00 -29.93
CA ALA B 211 6.91 9.64 -30.02
C ALA B 211 7.17 10.06 -31.45
N GLN B 212 6.70 9.24 -32.38
CA GLN B 212 6.90 9.51 -33.80
C GLN B 212 5.99 10.60 -34.34
N ALA B 213 4.78 10.72 -33.79
CA ALA B 213 3.91 11.86 -34.12
C ALA B 213 4.55 13.17 -33.67
N LEU B 214 5.14 13.10 -32.49
CA LEU B 214 5.78 14.21 -31.83
C LEU B 214 6.97 14.67 -32.67
N MET B 215 7.70 13.70 -33.18
CA MET B 215 8.80 13.91 -34.11
C MET B 215 8.32 14.64 -35.37
N LEU B 216 7.22 14.16 -35.95
CA LEU B 216 6.69 14.75 -37.18
C LEU B 216 6.06 16.12 -36.97
N LEU B 217 5.12 16.21 -36.01
CA LEU B 217 4.50 17.48 -35.66
C LEU B 217 5.49 18.53 -35.19
N GLY B 218 6.52 18.12 -34.46
CA GLY B 218 7.47 19.04 -33.86
C GLY B 218 8.64 19.48 -34.73
N ARG B 219 8.70 18.99 -35.97
CA ARG B 219 9.85 19.19 -36.83
C ARG B 219 10.14 20.67 -37.00
N PRO B 220 11.41 21.08 -36.77
CA PRO B 220 11.74 22.51 -36.86
C PRO B 220 11.61 23.05 -38.27
N THR B 221 11.05 24.26 -38.37
CA THR B 221 10.84 24.95 -39.64
C THR B 221 12.11 25.05 -40.48
N ALA B 222 11.93 25.08 -41.80
CA ALA B 222 13.04 25.22 -42.76
C ALA B 222 13.77 26.57 -42.68
N ASP B 223 13.05 27.61 -42.26
CA ASP B 223 13.61 28.97 -42.11
C ASP B 223 14.23 29.17 -40.73
N GLY B 224 13.45 28.90 -39.68
CA GLY B 224 13.91 29.02 -38.29
C GLY B 224 12.86 29.58 -37.35
N GLN B 225 11.64 29.75 -37.84
CA GLN B 225 10.54 30.31 -37.04
C GLN B 225 9.92 29.25 -36.11
N SER B 226 9.29 29.72 -35.03
CA SER B 226 8.49 28.88 -34.14
C SER B 226 7.46 28.09 -34.94
N LEU B 227 7.05 26.96 -34.38
CA LEU B 227 6.05 26.09 -34.98
C LEU B 227 4.69 26.77 -34.94
N THR B 228 3.83 26.47 -35.91
CA THR B 228 2.51 27.10 -35.96
C THR B 228 1.70 26.78 -34.72
N GLU B 229 0.70 27.62 -34.44
CA GLU B 229 -0.24 27.38 -33.34
C GLU B 229 -0.82 25.98 -33.44
N ASN B 230 -1.26 25.60 -34.63
CA ASN B 230 -1.83 24.26 -34.88
C ASN B 230 -0.94 23.11 -34.42
N SER B 231 0.34 23.20 -34.77
CA SER B 231 1.29 22.19 -34.37
C SER B 231 1.48 22.17 -32.85
N ARG B 232 1.44 23.35 -32.24
CA ARG B 232 1.66 23.45 -30.81
C ARG B 232 0.44 22.96 -30.03
N LEU B 233 -0.74 23.08 -30.62
CA LEU B 233 -1.96 22.50 -30.06
C LEU B 233 -1.87 20.97 -30.08
N ARG B 234 -1.43 20.42 -31.21
CA ARG B 234 -1.43 18.97 -31.43
C ARG B 234 -0.32 18.29 -30.63
N ILE B 235 0.82 18.97 -30.51
CA ILE B 235 1.90 18.50 -29.65
C ILE B 235 1.33 18.38 -28.23
N GLY B 236 0.69 19.45 -27.75
CA GLY B 236 -0.03 19.44 -26.48
C GLY B 236 -0.97 18.26 -26.32
N ASP B 237 -1.87 18.06 -27.27
CA ASP B 237 -2.75 16.88 -27.25
C ASP B 237 -1.96 15.58 -27.21
N VAL B 238 -0.94 15.47 -28.07
CA VAL B 238 -0.06 14.30 -28.09
C VAL B 238 0.50 14.09 -26.69
N TYR B 239 1.01 15.15 -26.05
CA TYR B 239 1.54 15.00 -24.69
C TYR B 239 0.52 14.50 -23.66
N ILE B 240 -0.70 15.04 -23.71
CA ILE B 240 -1.74 14.60 -22.79
C ILE B 240 -2.01 13.11 -22.96
N LEU B 241 -2.05 12.65 -24.21
CA LEU B 241 -2.32 11.24 -24.46
C LEU B 241 -1.17 10.34 -23.98
N MET B 242 0.05 10.85 -24.04
CA MET B 242 1.18 10.09 -23.53
C MET B 242 0.98 9.89 -22.04
N GLY B 243 0.63 10.97 -21.34
CA GLY B 243 0.39 10.92 -19.91
C GLY B 243 -0.65 9.87 -19.56
N ASP B 244 -1.79 9.94 -20.25
CA ASP B 244 -2.85 8.95 -20.08
C ASP B 244 -2.36 7.51 -20.18
N ILE B 245 -1.60 7.23 -21.23
CA ILE B 245 -1.16 5.85 -21.49
C ILE B 245 -0.15 5.43 -20.44
N GLU B 246 0.70 6.36 -20.03
CA GLU B 246 1.72 6.09 -19.03
C GLU B 246 1.11 5.79 -17.65
N ARG B 247 0.05 6.53 -17.30
CA ARG B 247 -0.71 6.26 -16.09
C ARG B 247 -1.17 4.82 -16.07
N GLU B 248 -1.78 4.41 -17.18
CA GLU B 248 -2.28 3.07 -17.35
C GLU B 248 -1.13 2.07 -17.30
N ALA B 249 0.04 2.50 -17.76
CA ALA B 249 1.25 1.65 -17.79
C ALA B 249 2.05 1.77 -16.49
N GLU B 250 1.48 2.50 -15.52
CA GLU B 250 2.06 2.65 -14.18
C GLU B 250 3.36 3.43 -14.17
N MET B 251 3.54 4.29 -15.18
CA MET B 251 4.70 5.15 -15.29
C MET B 251 4.29 6.53 -14.80
N PHE B 252 4.11 6.63 -13.50
CA PHE B 252 3.46 7.81 -12.92
C PHE B 252 4.29 9.09 -12.99
N SER B 253 5.61 8.95 -12.87
CA SER B 253 6.50 10.12 -12.92
C SER B 253 6.56 10.70 -14.29
N ARG B 254 6.55 9.84 -15.30
CA ARG B 254 6.54 10.30 -16.67
C ARG B 254 5.22 10.95 -16.98
N ALA B 255 4.15 10.33 -16.53
CA ALA B 255 2.81 10.86 -16.75
C ALA B 255 2.78 12.33 -16.40
N ILE B 256 3.19 12.68 -15.17
CA ILE B 256 3.16 14.08 -14.74
C ILE B 256 4.06 14.93 -15.63
N HIS B 257 5.20 14.35 -16.01
CA HIS B 257 6.18 15.03 -16.85
C HIS B 257 5.56 15.45 -18.18
N HIS B 258 4.74 14.56 -18.74
CA HIS B 258 4.09 14.85 -20.00
C HIS B 258 2.86 15.76 -19.88
N TYR B 259 2.13 15.66 -18.77
CA TYR B 259 1.05 16.62 -18.53
C TYR B 259 1.63 18.02 -18.40
N LEU B 260 2.75 18.16 -17.68
CA LEU B 260 3.43 19.45 -17.55
C LEU B 260 3.91 19.94 -18.91
N LYS B 261 4.53 19.04 -19.68
CA LYS B 261 4.88 19.34 -21.06
C LYS B 261 3.67 19.84 -21.85
N ALA B 262 2.54 19.14 -21.75
CA ALA B 262 1.38 19.54 -22.53
C ALA B 262 1.02 20.96 -22.17
N LEU B 263 1.00 21.22 -20.86
CA LEU B 263 0.65 22.51 -20.30
C LEU B 263 1.52 23.62 -20.89
N GLY B 264 2.81 23.33 -21.05
CA GLY B 264 3.77 24.28 -21.59
C GLY B 264 3.37 24.72 -22.97
N TYR B 265 2.90 23.76 -23.76
CA TYR B 265 2.58 24.02 -25.15
C TYR B 265 1.27 24.76 -25.31
N TYR B 266 0.23 24.27 -24.63
CA TYR B 266 -1.07 24.96 -24.60
C TYR B 266 -0.92 26.42 -24.22
N LYS B 267 -0.09 26.67 -23.22
CA LYS B 267 0.17 28.01 -22.71
C LYS B 267 0.92 28.92 -23.69
N THR B 268 1.33 28.39 -24.83
CA THR B 268 1.99 29.21 -25.85
C THR B 268 0.98 29.65 -26.91
N LEU B 269 -0.26 29.20 -26.77
CA LEU B 269 -1.28 29.50 -27.76
C LEU B 269 -1.96 30.84 -27.52
N LYS B 270 -2.30 31.51 -28.62
CA LYS B 270 -3.20 32.65 -28.59
C LYS B 270 -4.43 32.22 -27.81
N PRO B 271 -4.79 32.98 -26.75
CA PRO B 271 -5.96 32.72 -25.92
C PRO B 271 -7.23 32.47 -26.72
N ALA B 272 -7.99 31.48 -26.25
CA ALA B 272 -9.23 31.03 -26.89
C ALA B 272 -9.96 30.16 -25.89
N GLU B 273 -11.23 29.87 -26.19
CA GLU B 273 -12.07 29.06 -25.30
C GLU B 273 -11.53 27.64 -25.14
N GLN B 274 -11.31 26.97 -26.28
CA GLN B 274 -10.76 25.61 -26.30
C GLN B 274 -9.36 25.55 -25.68
N VAL B 275 -8.57 26.61 -25.86
CA VAL B 275 -7.23 26.69 -25.24
C VAL B 275 -7.35 26.63 -23.71
N THR B 276 -8.15 27.55 -23.16
CA THR B 276 -8.37 27.64 -21.71
C THR B 276 -8.85 26.30 -21.13
N GLU B 277 -9.75 25.62 -21.83
CA GLU B 277 -10.25 24.30 -21.44
C GLU B 277 -9.14 23.25 -21.32
N LYS B 278 -8.31 23.15 -22.37
CA LYS B 278 -7.12 22.29 -22.33
C LYS B 278 -6.19 22.68 -21.19
N VAL B 279 -6.04 23.98 -20.93
CA VAL B 279 -5.14 24.44 -19.89
C VAL B 279 -5.65 23.99 -18.54
N ILE B 280 -6.93 24.25 -18.26
CA ILE B 280 -7.56 23.78 -17.02
C ILE B 280 -7.53 22.26 -16.87
N GLN B 281 -7.82 21.55 -17.95
CA GLN B 281 -7.72 20.09 -17.95
C GLN B 281 -6.31 19.63 -17.56
N ALA B 282 -5.29 20.19 -18.21
CA ALA B 282 -3.91 19.78 -17.96
C ALA B 282 -3.50 20.04 -16.51
N GLU B 283 -3.77 21.26 -16.02
CA GLU B 283 -3.54 21.59 -14.62
C GLU B 283 -4.17 20.57 -13.66
N PHE B 284 -5.40 20.15 -13.92
CA PHE B 284 -6.06 19.19 -13.01
C PHE B 284 -5.43 17.81 -13.13
N LEU B 285 -5.16 17.38 -14.36
CA LEU B 285 -4.48 16.11 -14.60
C LEU B 285 -3.14 16.07 -13.89
N VAL B 286 -2.47 17.21 -13.83
CA VAL B 286 -1.22 17.29 -13.08
C VAL B 286 -1.49 16.95 -11.61
N CYS B 287 -2.42 17.69 -11.01
CA CYS B 287 -2.78 17.47 -9.62
C CYS B 287 -3.21 16.04 -9.34
N ASP B 288 -4.12 15.53 -10.16
CA ASP B 288 -4.70 14.21 -9.96
C ASP B 288 -3.63 13.15 -9.98
N ALA B 289 -2.74 13.24 -10.98
CA ALA B 289 -1.60 12.32 -11.13
C ALA B 289 -0.53 12.42 -10.03
N LEU B 290 -0.52 13.51 -9.27
CA LEU B 290 0.39 13.64 -8.13
C LEU B 290 0.09 12.66 -7.00
N ARG B 291 -1.14 12.16 -6.93
CA ARG B 291 -1.53 11.23 -5.87
C ARG B 291 -0.85 9.88 -6.06
N TRP B 292 -0.25 9.68 -7.23
CA TRP B 292 0.35 8.41 -7.58
C TRP B 292 1.86 8.39 -7.41
N VAL B 293 2.46 9.53 -7.08
CA VAL B 293 3.90 9.64 -6.94
C VAL B 293 4.26 10.01 -5.50
N ASP B 294 4.97 9.10 -4.84
CA ASP B 294 5.32 9.26 -3.42
C ASP B 294 6.54 10.16 -3.25
N GLN B 295 7.42 10.16 -4.24
CA GLN B 295 8.66 10.92 -4.14
C GLN B 295 8.54 12.45 -4.15
N VAL B 296 7.35 12.98 -4.42
CA VAL B 296 7.12 14.42 -4.29
C VAL B 296 6.72 14.72 -2.86
N PRO B 297 7.53 15.54 -2.16
CA PRO B 297 7.20 15.93 -0.78
C PRO B 297 5.91 16.73 -0.67
N ALA B 298 5.37 16.75 0.54
CA ALA B 298 4.13 17.45 0.85
C ALA B 298 4.16 18.89 0.36
N LYS B 299 5.22 19.61 0.74
CA LYS B 299 5.39 21.02 0.43
C LYS B 299 5.10 21.31 -1.06
N ASP B 300 5.68 20.49 -1.93
CA ASP B 300 5.59 20.73 -3.36
C ASP B 300 4.24 20.36 -3.92
N LYS B 301 3.62 19.32 -3.37
CA LYS B 301 2.29 18.91 -3.77
C LYS B 301 1.28 19.97 -3.38
N LEU B 302 1.42 20.46 -2.16
CA LEU B 302 0.55 21.48 -1.60
C LEU B 302 0.63 22.76 -2.40
N LYS B 303 1.85 23.16 -2.78
CA LYS B 303 2.07 24.34 -3.60
C LYS B 303 1.35 24.19 -4.94
N ARG B 304 1.44 23.01 -5.53
CA ARG B 304 0.78 22.72 -6.80
C ARG B 304 -0.74 22.67 -6.67
N PHE B 305 -1.25 22.02 -5.62
CA PHE B 305 -2.69 22.00 -5.35
C PHE B 305 -3.26 23.41 -5.20
N LYS B 306 -2.55 24.28 -4.48
CA LYS B 306 -3.04 25.63 -4.20
C LYS B 306 -3.15 26.39 -5.51
N HIS B 307 -2.17 26.20 -6.38
CA HIS B 307 -2.17 26.84 -7.68
C HIS B 307 -3.41 26.45 -8.48
N ALA B 308 -3.61 25.16 -8.70
CA ALA B 308 -4.77 24.68 -9.46
C ALA B 308 -6.05 25.16 -8.79
N LYS B 309 -6.12 25.04 -7.46
CA LYS B 309 -7.26 25.58 -6.71
C LYS B 309 -7.58 27.04 -7.08
N ALA B 310 -6.54 27.88 -7.12
CA ALA B 310 -6.70 29.28 -7.46
C ALA B 310 -7.12 29.49 -8.92
N LEU B 311 -6.47 28.76 -9.82
CA LEU B 311 -6.79 28.80 -11.24
C LEU B 311 -8.28 28.45 -11.50
N LEU B 312 -8.73 27.36 -10.90
CA LEU B 312 -10.05 26.79 -11.12
C LEU B 312 -11.15 27.65 -10.49
N GLU B 313 -10.85 28.27 -9.35
CA GLU B 313 -11.77 29.21 -8.72
C GLU B 313 -11.91 30.46 -9.57
N LYS B 314 -10.82 30.89 -10.19
CA LYS B 314 -10.86 32.04 -11.10
C LYS B 314 -11.71 31.69 -12.32
N HIS B 315 -11.52 30.47 -12.83
CA HIS B 315 -12.27 30.02 -13.98
C HIS B 315 -13.77 29.85 -13.66
N MET B 316 -14.05 29.50 -12.40
CA MET B 316 -15.42 29.37 -11.91
C MET B 316 -16.20 30.70 -11.95
N THR B 317 -15.50 31.80 -11.72
CA THR B 317 -16.09 33.13 -11.70
C THR B 317 -16.53 33.59 -13.09
N THR B 318 -16.00 32.95 -14.12
CA THR B 318 -16.35 33.28 -15.50
C THR B 318 -17.66 32.62 -15.91
N ARG B 319 -18.19 31.79 -15.02
CA ARG B 319 -19.39 30.97 -15.27
C ARG B 319 -19.27 30.18 -16.57
N PRO B 320 -18.32 29.25 -16.62
CA PRO B 320 -18.06 28.50 -17.84
C PRO B 320 -19.11 27.41 -18.05
N LYS B 321 -19.29 26.98 -19.28
CA LYS B 321 -20.37 26.02 -19.60
C LYS B 321 -20.24 24.66 -18.91
N ASP B 322 -19.00 24.34 -18.53
CA ASP B 322 -18.58 23.06 -17.96
C ASP B 322 -18.58 23.10 -16.43
N SER B 323 -19.42 23.95 -15.86
CA SER B 323 -19.37 24.29 -14.43
C SER B 323 -19.36 23.09 -13.48
N GLU B 324 -20.24 22.12 -13.75
CA GLU B 324 -20.36 20.89 -12.97
C GLU B 324 -19.01 20.17 -12.90
N LEU B 325 -18.38 20.04 -14.06
CA LEU B 325 -17.10 19.36 -14.14
C LEU B 325 -16.04 20.08 -13.33
N GLN B 326 -15.93 21.40 -13.52
CA GLN B 326 -15.02 22.24 -12.76
C GLN B 326 -15.19 22.18 -11.24
N GLN B 327 -16.43 22.20 -10.77
CA GLN B 327 -16.75 22.05 -9.35
C GLN B 327 -16.31 20.70 -8.81
N ALA B 328 -16.45 19.66 -9.64
CA ALA B 328 -16.01 18.31 -9.25
C ALA B 328 -14.48 18.24 -9.14
N ARG B 329 -13.80 18.93 -10.05
CA ARG B 329 -12.34 19.02 -10.03
C ARG B 329 -11.86 19.76 -8.79
N LEU B 330 -12.53 20.88 -8.52
CA LEU B 330 -12.19 21.76 -7.42
C LEU B 330 -12.39 21.09 -6.07
N ALA B 331 -13.45 20.28 -5.95
CA ALA B 331 -13.69 19.56 -4.69
C ALA B 331 -12.65 18.45 -4.50
N GLN B 332 -12.23 17.79 -5.58
CA GLN B 332 -11.19 16.77 -5.49
C GLN B 332 -9.88 17.37 -4.98
N ILE B 333 -9.50 18.51 -5.55
CA ILE B 333 -8.28 19.23 -5.18
C ILE B 333 -8.30 19.67 -3.72
N GLN B 334 -9.43 20.24 -3.27
CA GLN B 334 -9.63 20.57 -1.87
C GLN B 334 -9.44 19.36 -0.95
N ASP B 335 -10.03 18.22 -1.31
CA ASP B 335 -9.76 16.96 -0.61
C ASP B 335 -8.27 16.61 -0.56
N ASP B 336 -7.57 16.72 -1.68
CA ASP B 336 -6.12 16.47 -1.69
C ASP B 336 -5.34 17.47 -0.83
N ILE B 337 -5.81 18.71 -0.77
CA ILE B 337 -5.21 19.72 0.09
C ILE B 337 -5.44 19.32 1.54
N ASP B 338 -6.68 18.97 1.86
CA ASP B 338 -7.06 18.61 3.23
C ASP B 338 -6.20 17.45 3.73
N GLU B 339 -6.11 16.40 2.93
CA GLU B 339 -5.33 15.21 3.29
C GLU B 339 -3.88 15.56 3.59
N VAL B 340 -3.24 16.29 2.68
CA VAL B 340 -1.84 16.64 2.81
C VAL B 340 -1.60 17.55 4.02
N GLN B 341 -2.53 18.47 4.27
CA GLN B 341 -2.43 19.35 5.43
C GLN B 341 -2.64 18.62 6.74
N GLU B 342 -3.33 17.47 6.70
CA GLU B 342 -3.55 16.67 7.91
C GLU B 342 -2.26 15.96 8.31
N ASN B 343 -1.41 15.69 7.32
CA ASN B 343 -0.08 15.16 7.55
C ASN B 343 0.88 16.20 8.16
N GLN B 344 0.44 17.47 8.21
CA GLN B 344 1.19 18.52 8.92
C GLN B 344 0.98 18.37 10.44
N GLN B 345 -0.27 18.22 10.86
CA GLN B 345 -0.63 18.07 12.26
C GLN B 345 -1.12 16.66 12.57
N GLN C 28 3.11 13.21 12.05
CA GLN C 28 2.75 12.30 10.93
C GLN C 28 1.23 12.08 10.77
N SER C 29 0.85 11.39 9.71
CA SER C 29 -0.55 11.11 9.42
C SER C 29 -1.09 10.05 10.37
N ARG C 30 -2.41 10.05 10.54
CA ARG C 30 -3.06 9.04 11.36
C ARG C 30 -2.87 7.64 10.78
N SER C 31 -2.86 7.55 9.45
CA SER C 31 -2.64 6.28 8.76
C SER C 31 -1.33 5.65 9.21
N ALA C 32 -0.25 6.43 9.18
CA ALA C 32 1.07 5.96 9.58
C ALA C 32 1.15 5.68 11.08
N LYS C 33 0.50 6.56 11.87
CA LYS C 33 0.41 6.36 13.31
C LYS C 33 -0.34 5.06 13.65
N ALA C 34 -1.22 4.62 12.74
CA ALA C 34 -2.00 3.39 12.93
C ALA C 34 -1.38 2.16 12.26
N GLY C 35 -0.33 2.35 11.47
CA GLY C 35 0.28 1.26 10.70
C GLY C 35 -0.47 0.93 9.42
N LEU C 36 -1.32 1.86 8.98
CA LEU C 36 -2.18 1.65 7.81
C LEU C 36 -1.70 2.34 6.54
N THR C 37 -2.06 1.77 5.39
CA THR C 37 -1.80 2.42 4.11
C THR C 37 -3.03 3.18 3.64
N PHE C 38 -4.21 2.57 3.77
CA PHE C 38 -5.49 3.22 3.46
C PHE C 38 -5.65 4.53 4.24
N PRO C 39 -6.50 5.45 3.74
CA PRO C 39 -6.54 6.81 4.29
C PRO C 39 -7.51 7.04 5.46
N VAL C 40 -7.01 7.01 6.70
CA VAL C 40 -7.89 7.21 7.86
C VAL C 40 -8.64 8.54 7.77
N GLY C 41 -7.95 9.57 7.31
CA GLY C 41 -8.50 10.92 7.24
C GLY C 41 -9.68 11.00 6.30
N ARG C 42 -9.50 10.44 5.10
CA ARG C 42 -10.56 10.42 4.09
C ARG C 42 -11.76 9.61 4.58
N VAL C 43 -11.47 8.51 5.28
CA VAL C 43 -12.50 7.63 5.83
C VAL C 43 -13.25 8.32 6.96
N HIS C 44 -12.53 9.03 7.81
CA HIS C 44 -13.16 9.83 8.87
C HIS C 44 -14.12 10.86 8.28
N ARG C 45 -13.69 11.55 7.23
CA ARG C 45 -14.52 12.54 6.57
C ARG C 45 -15.73 11.90 5.92
N LEU C 46 -15.54 10.75 5.29
CA LEU C 46 -16.63 10.06 4.61
C LEU C 46 -17.69 9.60 5.58
N LEU C 47 -17.29 9.36 6.82
CA LEU C 47 -18.23 9.00 7.87
C LEU C 47 -19.03 10.20 8.33
N ARG C 48 -18.36 11.34 8.47
CA ARG C 48 -19.00 12.60 8.89
C ARG C 48 -20.02 13.10 7.88
N ARG C 49 -19.63 13.10 6.60
CA ARG C 49 -20.49 13.53 5.51
C ARG C 49 -21.60 12.52 5.24
N GLY C 50 -21.49 11.34 5.86
CA GLY C 50 -22.49 10.30 5.69
C GLY C 50 -23.64 10.41 6.66
N ASN C 51 -23.48 11.27 7.67
CA ASN C 51 -24.50 11.52 8.70
C ASN C 51 -25.09 10.24 9.31
N TYR C 52 -24.21 9.40 9.85
CA TYR C 52 -24.60 8.09 10.36
C TYR C 52 -25.01 8.15 11.83
N ALA C 53 -24.33 9.00 12.59
CA ALA C 53 -24.74 9.35 13.96
C ALA C 53 -24.36 10.79 14.18
N GLN C 54 -24.82 11.36 15.30
CA GLN C 54 -24.51 12.74 15.67
C GLN C 54 -23.00 12.99 15.73
N ARG C 55 -22.25 12.04 16.26
CA ARG C 55 -20.80 12.16 16.39
C ARG C 55 -20.02 10.93 15.90
N ILE C 56 -18.81 11.16 15.42
CA ILE C 56 -17.93 10.06 15.04
C ILE C 56 -16.71 10.01 15.98
N GLY C 57 -16.59 8.91 16.70
CA GLY C 57 -15.44 8.67 17.59
C GLY C 57 -14.15 8.60 16.79
N SER C 58 -13.05 9.03 17.39
CA SER C 58 -11.76 9.02 16.68
C SER C 58 -11.21 7.61 16.47
N GLY C 59 -11.73 6.62 17.20
CA GLY C 59 -11.36 5.23 16.99
C GLY C 59 -12.11 4.54 15.85
N ALA C 60 -13.33 4.97 15.58
CA ALA C 60 -14.12 4.41 14.47
C ALA C 60 -13.36 4.41 13.14
N PRO C 61 -12.82 5.57 12.68
CA PRO C 61 -12.16 5.62 11.38
C PRO C 61 -10.91 4.74 11.32
N VAL C 62 -10.14 4.73 12.41
CA VAL C 62 -8.93 3.91 12.48
C VAL C 62 -9.29 2.42 12.33
N TYR C 63 -10.44 2.04 12.85
CA TYR C 63 -10.84 0.65 12.80
C TYR C 63 -11.36 0.29 11.42
N LEU C 64 -12.35 1.06 10.94
CA LEU C 64 -12.92 0.84 9.61
C LEU C 64 -11.83 0.85 8.54
N THR C 65 -10.98 1.88 8.54
CA THR C 65 -9.85 1.98 7.60
C THR C 65 -9.07 0.67 7.58
N ALA C 66 -8.74 0.16 8.76
CA ALA C 66 -8.03 -1.11 8.89
C ALA C 66 -8.78 -2.32 8.30
N VAL C 67 -10.11 -2.35 8.47
CA VAL C 67 -10.92 -3.42 7.94
C VAL C 67 -10.91 -3.37 6.42
N LEU C 68 -11.21 -2.20 5.87
CA LEU C 68 -11.22 -1.98 4.42
C LEU C 68 -9.87 -2.33 3.79
N GLU C 69 -8.79 -1.89 4.42
CA GLU C 69 -7.46 -2.19 3.87
C GLU C 69 -7.16 -3.67 3.92
N TYR C 70 -7.60 -4.33 4.99
CA TYR C 70 -7.41 -5.78 5.12
C TYR C 70 -8.18 -6.54 4.03
N LEU C 71 -9.43 -6.13 3.79
CA LEU C 71 -10.24 -6.77 2.75
C LEU C 71 -9.61 -6.60 1.37
N ALA C 72 -9.19 -5.39 1.05
CA ALA C 72 -8.56 -5.11 -0.24
C ALA C 72 -7.32 -5.97 -0.40
N ALA C 73 -6.53 -6.08 0.66
CA ALA C 73 -5.33 -6.92 0.67
C ALA C 73 -5.62 -8.40 0.34
N GLU C 74 -6.70 -8.94 0.91
CA GLU C 74 -7.11 -10.32 0.62
C GLU C 74 -7.52 -10.49 -0.84
N ILE C 75 -8.45 -9.65 -1.28
CA ILE C 75 -8.86 -9.63 -2.69
C ILE C 75 -7.65 -9.50 -3.62
N LEU C 76 -6.70 -8.63 -3.26
CA LEU C 76 -5.50 -8.44 -4.07
C LEU C 76 -4.55 -9.64 -4.06
N GLU C 77 -4.44 -10.32 -2.92
CA GLU C 77 -3.52 -11.45 -2.78
C GLU C 77 -3.90 -12.64 -3.66
N LEU C 78 -5.20 -12.85 -3.84
CA LEU C 78 -5.73 -13.95 -4.65
C LEU C 78 -5.73 -13.58 -6.12
N ALA C 79 -6.24 -12.40 -6.43
CA ALA C 79 -6.25 -11.87 -7.79
C ALA C 79 -4.83 -11.87 -8.37
N GLY C 80 -3.85 -11.56 -7.52
CA GLY C 80 -2.43 -11.65 -7.89
C GLY C 80 -2.02 -13.07 -8.24
N ASN C 81 -2.41 -14.04 -7.40
CA ASN C 81 -2.14 -15.45 -7.66
C ASN C 81 -2.81 -15.93 -8.95
N ALA C 82 -4.08 -15.57 -9.13
CA ALA C 82 -4.81 -15.85 -10.38
C ALA C 82 -4.08 -15.30 -11.61
N ALA C 83 -3.49 -14.10 -11.49
CA ALA C 83 -2.70 -13.51 -12.56
C ALA C 83 -1.45 -14.34 -12.83
N ARG C 84 -0.80 -14.80 -11.75
CA ARG C 84 0.38 -15.64 -11.86
C ARG C 84 0.02 -17.03 -12.35
N ASP C 85 -1.08 -17.58 -11.81
CA ASP C 85 -1.62 -18.86 -12.27
C ASP C 85 -1.91 -18.85 -13.76
N ASN C 86 -2.22 -17.67 -14.29
CA ASN C 86 -2.46 -17.51 -15.73
C ASN C 86 -1.26 -16.85 -16.41
N LYS C 87 -0.10 -16.97 -15.76
CA LYS C 87 1.21 -16.58 -16.29
C LYS C 87 1.37 -15.09 -16.62
N LYS C 88 0.38 -14.29 -16.25
CA LYS C 88 0.40 -12.84 -16.51
C LYS C 88 0.99 -12.06 -15.34
N THR C 89 1.36 -10.81 -15.60
CA THR C 89 1.99 -9.94 -14.58
C THR C 89 1.14 -8.70 -14.30
N ARG C 90 -0.08 -8.71 -14.81
CA ARG C 90 -1.02 -7.62 -14.64
C ARG C 90 -2.38 -8.15 -14.19
N ILE C 91 -3.00 -7.48 -13.22
CA ILE C 91 -4.33 -7.87 -12.74
C ILE C 91 -5.45 -7.26 -13.59
N ILE C 92 -6.20 -8.13 -14.25
CA ILE C 92 -7.34 -7.73 -15.06
C ILE C 92 -8.64 -8.13 -14.37
N PRO C 93 -9.77 -7.46 -14.67
CA PRO C 93 -11.00 -7.75 -13.95
C PRO C 93 -11.37 -9.23 -13.86
N ARG C 94 -11.07 -10.01 -14.91
CA ARG C 94 -11.31 -11.46 -14.90
C ARG C 94 -10.55 -12.16 -13.77
N HIS C 95 -9.33 -11.69 -13.49
CA HIS C 95 -8.57 -12.16 -12.34
C HIS C 95 -9.28 -11.84 -11.04
N LEU C 96 -9.93 -10.69 -10.98
CA LEU C 96 -10.66 -10.28 -9.79
C LEU C 96 -11.86 -11.18 -9.59
N GLN C 97 -12.55 -11.48 -10.69
CA GLN C 97 -13.76 -12.29 -10.64
C GLN C 97 -13.46 -13.72 -10.24
N LEU C 98 -12.33 -14.26 -10.72
CA LEU C 98 -11.88 -15.60 -10.32
C LEU C 98 -11.53 -15.66 -8.84
N ALA C 99 -10.71 -14.72 -8.39
CA ALA C 99 -10.31 -14.62 -6.99
C ALA C 99 -11.49 -14.61 -6.01
N ILE C 100 -12.51 -13.80 -6.32
CA ILE C 100 -13.70 -13.68 -5.49
C ILE C 100 -14.55 -14.96 -5.49
N ARG C 101 -14.98 -15.39 -6.67
CA ARG C 101 -15.85 -16.57 -6.83
C ARG C 101 -15.26 -17.82 -6.20
N ASN C 102 -13.95 -18.00 -6.33
CA ASN C 102 -13.27 -19.21 -5.83
C ASN C 102 -12.93 -19.19 -4.35
N ASP C 103 -13.14 -18.05 -3.69
CA ASP C 103 -13.09 -17.95 -2.24
C ASP C 103 -14.51 -17.94 -1.71
N ASP C 104 -14.80 -18.80 -0.73
CA ASP C 104 -16.13 -18.93 -0.15
C ASP C 104 -16.61 -17.59 0.39
N GLU C 105 -15.84 -17.05 1.31
CA GLU C 105 -16.27 -15.91 2.11
C GLU C 105 -16.34 -14.61 1.31
N LEU C 106 -15.38 -14.41 0.41
CA LEU C 106 -15.37 -13.23 -0.45
C LEU C 106 -16.54 -13.28 -1.41
N ASN C 107 -16.77 -14.46 -1.98
CA ASN C 107 -17.94 -14.73 -2.82
C ASN C 107 -19.21 -14.41 -2.04
N LYS C 108 -19.30 -14.94 -0.82
CA LYS C 108 -20.43 -14.68 0.04
C LYS C 108 -20.59 -13.19 0.31
N LEU C 109 -19.48 -12.50 0.61
CA LEU C 109 -19.51 -11.07 0.92
C LEU C 109 -19.82 -10.18 -0.29
N LEU C 110 -19.17 -10.44 -1.41
CA LEU C 110 -19.24 -9.52 -2.55
C LEU C 110 -20.18 -9.93 -3.70
N GLY C 111 -20.77 -11.13 -3.62
CA GLY C 111 -21.55 -11.68 -4.73
C GLY C 111 -20.59 -12.10 -5.83
N ASN C 112 -20.96 -11.88 -7.09
CA ASN C 112 -20.05 -12.14 -8.22
C ASN C 112 -20.24 -11.19 -9.41
N LYS D 49 -13.94 9.61 -9.85
CA LYS D 49 -13.36 10.10 -8.58
C LYS D 49 -13.30 8.95 -7.55
N GLU D 50 -12.16 8.27 -7.52
CA GLU D 50 -12.00 7.05 -6.75
C GLU D 50 -11.12 7.25 -5.52
N THR D 51 -11.78 7.27 -4.35
CA THR D 51 -11.12 7.52 -3.07
C THR D 51 -9.90 6.62 -2.82
N TYR D 52 -10.09 5.31 -3.03
CA TYR D 52 -9.15 4.32 -2.53
C TYR D 52 -8.16 3.78 -3.55
N SER D 53 -8.34 4.16 -4.82
CA SER D 53 -7.59 3.53 -5.88
C SER D 53 -6.07 3.64 -5.72
N SER D 54 -5.57 4.82 -5.36
CA SER D 54 -4.12 4.98 -5.24
C SER D 54 -3.61 4.17 -4.06
N TYR D 55 -4.44 4.06 -3.04
CA TYR D 55 -4.10 3.28 -1.84
C TYR D 55 -4.14 1.80 -2.11
N ILE D 56 -5.16 1.35 -2.83
CA ILE D 56 -5.22 -0.03 -3.31
C ILE D 56 -3.90 -0.39 -4.00
N TYR D 57 -3.53 0.40 -5.01
CA TYR D 57 -2.28 0.22 -5.73
C TYR D 57 -1.08 -0.01 -4.81
N LYS D 58 -0.98 0.78 -3.74
CA LYS D 58 0.10 0.66 -2.77
C LYS D 58 0.04 -0.64 -1.98
N VAL D 59 -1.18 -1.07 -1.65
CA VAL D 59 -1.40 -2.32 -0.94
C VAL D 59 -0.95 -3.48 -1.84
N LEU D 60 -1.32 -3.41 -3.11
CA LEU D 60 -0.91 -4.41 -4.09
C LEU D 60 0.62 -4.57 -4.16
N LYS D 61 1.33 -3.46 -4.17
CA LYS D 61 2.80 -3.47 -4.24
C LYS D 61 3.44 -4.02 -2.97
N GLN D 62 2.70 -3.95 -1.87
CA GLN D 62 3.13 -4.56 -0.61
C GLN D 62 2.90 -6.07 -0.62
N THR D 63 1.99 -6.51 -1.49
CA THR D 63 1.61 -7.93 -1.60
C THR D 63 2.38 -8.64 -2.71
N HIS D 64 2.18 -8.20 -3.94
CA HIS D 64 2.96 -8.69 -5.09
C HIS D 64 3.67 -7.49 -5.71
N PRO D 65 4.90 -7.20 -5.24
CA PRO D 65 5.70 -6.07 -5.70
C PRO D 65 6.05 -6.09 -7.19
N ASP D 66 5.97 -7.26 -7.80
CA ASP D 66 6.25 -7.38 -9.24
C ASP D 66 4.98 -7.56 -10.07
N THR D 67 3.84 -7.27 -9.48
CA THR D 67 2.56 -7.42 -10.17
C THR D 67 1.91 -6.06 -10.38
N GLY D 68 1.28 -5.90 -11.54
CA GLY D 68 0.57 -4.68 -11.86
C GLY D 68 -0.93 -4.89 -11.82
N ILE D 69 -1.66 -3.83 -12.20
CA ILE D 69 -3.12 -3.81 -12.17
C ILE D 69 -3.67 -2.73 -13.10
N SER D 70 -4.72 -3.08 -13.83
CA SER D 70 -5.37 -2.13 -14.73
C SER D 70 -6.18 -1.10 -13.94
N GLN D 71 -6.41 0.05 -14.54
CA GLN D 71 -7.22 1.09 -13.91
C GLN D 71 -8.66 0.61 -13.71
N LYS D 72 -9.12 -0.23 -14.64
CA LYS D 72 -10.44 -0.83 -14.59
C LYS D 72 -10.63 -1.75 -13.37
N SER D 73 -9.62 -2.58 -13.08
CA SER D 73 -9.75 -3.50 -11.97
C SER D 73 -9.63 -2.79 -10.62
N MET D 74 -8.84 -1.71 -10.58
CA MET D 74 -8.81 -0.81 -9.42
C MET D 74 -10.17 -0.14 -9.24
N SER D 75 -10.83 0.17 -10.35
CA SER D 75 -12.15 0.78 -10.33
C SER D 75 -13.20 -0.16 -9.70
N ILE D 76 -13.21 -1.42 -10.13
CA ILE D 76 -14.09 -2.44 -9.55
C ILE D 76 -13.82 -2.62 -8.05
N LEU D 77 -12.54 -2.69 -7.70
CA LEU D 77 -12.09 -2.80 -6.32
C LEU D 77 -12.49 -1.61 -5.48
N ASN D 78 -12.32 -0.42 -6.05
CA ASN D 78 -12.73 0.80 -5.38
C ASN D 78 -14.20 0.69 -5.01
N SER D 79 -15.01 0.26 -5.97
CA SER D 79 -16.44 0.05 -5.78
C SER D 79 -16.77 -0.95 -4.67
N PHE D 80 -15.99 -2.04 -4.59
CA PHE D 80 -16.12 -3.02 -3.52
C PHE D 80 -15.91 -2.40 -2.15
N VAL D 81 -14.79 -1.69 -2.01
CA VAL D 81 -14.40 -1.02 -0.79
C VAL D 81 -15.47 -0.02 -0.33
N ASN D 82 -15.92 0.82 -1.26
CA ASN D 82 -17.05 1.74 -1.01
C ASN D 82 -18.31 1.07 -0.50
N ASP D 83 -18.57 -0.13 -1.02
CA ASP D 83 -19.75 -0.90 -0.65
C ASP D 83 -19.63 -1.46 0.76
N ILE D 84 -18.49 -2.07 1.06
CA ILE D 84 -18.23 -2.61 2.37
C ILE D 84 -18.26 -1.48 3.39
N PHE D 85 -17.62 -0.36 3.04
CA PHE D 85 -17.74 0.88 3.79
C PHE D 85 -19.17 1.16 4.17
N GLU D 86 -20.01 1.37 3.15
CA GLU D 86 -21.40 1.76 3.34
C GLU D 86 -22.19 0.78 4.20
N ARG D 87 -22.00 -0.51 3.94
CA ARG D 87 -22.67 -1.53 4.72
C ARG D 87 -22.27 -1.50 6.19
N ILE D 88 -20.97 -1.37 6.45
CA ILE D 88 -20.46 -1.36 7.82
C ILE D 88 -20.94 -0.09 8.56
N ALA D 89 -20.86 1.04 7.87
CA ALA D 89 -21.22 2.32 8.47
C ALA D 89 -22.69 2.37 8.83
N THR D 90 -23.52 1.77 7.97
CA THR D 90 -24.96 1.75 8.13
C THR D 90 -25.40 0.78 9.23
N GLU D 91 -24.76 -0.38 9.30
CA GLU D 91 -24.99 -1.30 10.40
C GLU D 91 -24.54 -0.68 11.73
N ALA D 92 -23.35 -0.08 11.73
CA ALA D 92 -22.84 0.62 12.92
C ALA D 92 -23.77 1.75 13.35
N SER D 93 -24.39 2.42 12.37
CA SER D 93 -25.37 3.47 12.65
C SER D 93 -26.56 2.89 13.41
N LYS D 94 -27.10 1.78 12.91
CA LYS D 94 -28.24 1.10 13.51
C LYS D 94 -27.93 0.69 14.94
N LEU D 95 -26.75 0.09 15.12
CA LEU D 95 -26.29 -0.31 16.46
C LEU D 95 -26.20 0.87 17.41
N ALA D 96 -25.72 2.00 16.92
CA ALA D 96 -25.57 3.22 17.72
C ALA D 96 -26.90 3.67 18.31
N ALA D 97 -27.93 3.74 17.47
CA ALA D 97 -29.25 4.19 17.89
C ALA D 97 -29.86 3.21 18.90
N TYR D 98 -29.70 1.92 18.62
CA TYR D 98 -30.20 0.82 19.46
C TYR D 98 -29.73 0.91 20.91
N ASN D 99 -28.42 1.15 21.09
CA ASN D 99 -27.82 1.29 22.42
C ASN D 99 -27.96 2.71 22.98
N LYS D 100 -28.68 3.55 22.24
CA LYS D 100 -29.00 4.93 22.62
C LYS D 100 -27.76 5.83 22.66
N LYS D 101 -26.73 5.44 21.92
CA LYS D 101 -25.49 6.23 21.81
C LYS D 101 -25.55 7.19 20.62
N SER D 102 -25.00 8.39 20.79
CA SER D 102 -24.95 9.38 19.70
C SER D 102 -23.56 9.46 19.05
N THR D 103 -22.65 8.62 19.53
CA THR D 103 -21.31 8.48 18.95
C THR D 103 -21.18 7.10 18.31
N ILE D 104 -20.62 7.05 17.11
CA ILE D 104 -20.17 5.77 16.56
C ILE D 104 -18.70 5.59 16.96
N SER D 105 -18.43 4.55 17.74
CA SER D 105 -17.08 4.24 18.19
C SER D 105 -16.49 3.00 17.52
N ALA D 106 -15.23 2.70 17.83
CA ALA D 106 -14.60 1.46 17.40
C ALA D 106 -15.40 0.26 17.90
N ARG D 107 -16.17 0.48 18.96
CA ARG D 107 -16.99 -0.58 19.52
C ARG D 107 -18.04 -1.03 18.49
N GLU D 108 -18.81 -0.07 17.98
CA GLU D 108 -19.89 -0.35 17.05
C GLU D 108 -19.43 -0.71 15.64
N ILE D 109 -18.23 -0.27 15.25
CA ILE D 109 -17.65 -0.74 13.99
C ILE D 109 -17.28 -2.22 14.12
N GLN D 110 -16.73 -2.60 15.27
CA GLN D 110 -16.34 -3.99 15.49
C GLN D 110 -17.55 -4.91 15.47
N THR D 111 -18.63 -4.48 16.12
CA THR D 111 -19.86 -5.27 16.15
C THR D 111 -20.43 -5.37 14.73
N ALA D 112 -20.44 -4.25 14.00
CA ALA D 112 -20.94 -4.21 12.63
C ALA D 112 -20.16 -5.14 11.73
N VAL D 113 -18.85 -5.20 11.94
CA VAL D 113 -17.99 -6.07 11.15
C VAL D 113 -18.41 -7.55 11.29
N ARG D 114 -18.71 -7.96 12.52
CA ARG D 114 -19.08 -9.35 12.80
C ARG D 114 -20.41 -9.79 12.18
N LEU D 115 -21.36 -8.87 12.12
CA LEU D 115 -22.63 -9.14 11.44
C LEU D 115 -22.47 -9.23 9.93
N ILE D 116 -21.67 -8.31 9.38
CA ILE D 116 -21.59 -8.15 7.91
C ILE D 116 -20.55 -9.02 7.22
N LEU D 117 -19.43 -9.29 7.87
CA LEU D 117 -18.42 -10.17 7.26
C LEU D 117 -18.72 -11.64 7.55
N PRO D 118 -18.46 -12.54 6.57
CA PRO D 118 -18.62 -13.96 6.85
C PRO D 118 -17.58 -14.43 7.87
N GLY D 119 -17.73 -15.66 8.36
CA GLY D 119 -16.99 -16.18 9.54
C GLY D 119 -15.50 -15.78 9.73
N GLU D 120 -14.62 -16.30 8.87
CA GLU D 120 -13.17 -16.13 9.07
C GLU D 120 -12.66 -14.77 8.61
N LEU D 121 -13.31 -14.21 7.59
CA LEU D 121 -13.01 -12.88 7.13
C LEU D 121 -13.18 -11.90 8.29
N ALA D 122 -14.26 -12.06 9.03
CA ALA D 122 -14.55 -11.22 10.20
C ALA D 122 -13.52 -11.41 11.32
N LYS D 123 -13.09 -12.65 11.49
CA LYS D 123 -12.18 -13.00 12.58
C LYS D 123 -10.85 -12.28 12.44
N HIS D 124 -10.30 -12.28 11.22
CA HIS D 124 -9.09 -11.52 10.91
C HIS D 124 -9.38 -10.02 10.90
N ALA D 125 -10.58 -9.66 10.46
CA ALA D 125 -10.98 -8.28 10.33
C ALA D 125 -10.98 -7.54 11.66
N VAL D 126 -11.55 -8.16 12.69
CA VAL D 126 -11.59 -7.56 14.02
C VAL D 126 -10.20 -7.54 14.66
N SER D 127 -9.39 -8.53 14.31
CA SER D 127 -8.00 -8.61 14.77
C SER D 127 -7.21 -7.44 14.21
N GLU D 128 -7.43 -7.16 12.91
CA GLU D 128 -6.74 -6.10 12.20
C GLU D 128 -7.20 -4.72 12.70
N GLY D 129 -8.49 -4.60 12.99
CA GLY D 129 -9.04 -3.37 13.57
C GLY D 129 -8.50 -3.09 14.95
N THR D 130 -8.47 -4.11 15.79
CA THR D 130 -7.91 -4.02 17.14
C THR D 130 -6.47 -3.52 17.14
N ARG D 131 -5.68 -4.03 16.20
CA ARG D 131 -4.27 -3.68 16.08
C ARG D 131 -4.02 -2.26 15.59
N ALA D 132 -4.81 -1.80 14.62
CA ALA D 132 -4.70 -0.42 14.19
C ALA D 132 -5.04 0.51 15.35
N VAL D 133 -6.15 0.24 16.02
CA VAL D 133 -6.54 1.03 17.18
C VAL D 133 -5.49 0.94 18.28
N THR D 134 -4.97 -0.27 18.50
CA THR D 134 -3.88 -0.50 19.42
C THR D 134 -2.66 0.38 19.11
N LYS D 135 -2.20 0.36 17.86
CA LYS D 135 -1.04 1.15 17.44
C LYS D 135 -1.30 2.65 17.51
N TYR D 136 -2.40 3.08 16.90
CA TYR D 136 -2.80 4.48 16.90
C TYR D 136 -2.91 5.10 18.29
N SER D 137 -3.40 4.34 19.27
CA SER D 137 -3.59 4.86 20.62
C SER D 137 -2.30 4.94 21.45
N SER D 138 -1.31 4.13 21.09
CA SER D 138 -0.01 4.09 21.78
C SER D 138 0.66 5.47 21.85
#